data_5IW1
#
_entry.id   5IW1
#
_cell.length_a   96.112
_cell.length_b   96.112
_cell.length_c   167.578
_cell.angle_alpha   90.00
_cell.angle_beta   90.00
_cell.angle_gamma   120.00
#
_symmetry.space_group_name_H-M   'P 31'
#
loop_
_entity.id
_entity.type
_entity.pdbx_description
1 polymer 'T-CELL RECEPTOR ALPHA CHAIN'
2 polymer 'T-CELL RECEPTOR BETA CHAIN'
#
loop_
_entity_poly.entity_id
_entity_poly.type
_entity_poly.pdbx_seq_one_letter_code
_entity_poly.pdbx_strand_id
1 'polypeptide(L)'
;QQVRQSPQSLTVWEGETAILNCSYENSAFDYFPWYQQFPGEGPALLISILSVSNKKEDGRFTIFFNKREKKLSLHIADSQ
PGDSATYFCAASASFGDNSKLIWGLGTSLVVNPNIQNPEPAVYQLKDPRSQDSTLCLFTDFDSQINVPKTMESGTFITDK
CVLDMKAMDSKSNGAIAWSNQTSFTCQDIFKETN
;
A,C,E
2 'polypeptide(L)'
;MKVTQMPRYLIKRMGENVLLECGQDMSHETMYWYRQDPGLGLQLIYISYDVDSNSEGDIPKGYRVSRKKREHFSLILDSA
KTNQTSVYFCASSLGHTEVFFGKGTRLTVVEDLRNVTPPKVSLFEPSKAEIANKQKATLVCLARGFFPDHVELSWWVNGK
EVHSGVCTDPQAYKESNYSYALSSRLRVSATFWHNPRNHFRCQVQFHGLSEEDKWPEGSPKPVTQNISAEAWGRA
;
B,D,F
#
# COMPACT_ATOMS: atom_id res chain seq x y z
N GLN A 1 10.24 9.23 21.95
CA GLN A 1 9.67 9.37 20.61
C GLN A 1 9.76 10.81 20.11
N GLN A 2 10.69 11.57 20.68
CA GLN A 2 10.88 12.97 20.31
C GLN A 2 11.31 13.10 18.86
N VAL A 3 12.06 12.11 18.37
CA VAL A 3 12.46 12.07 16.98
C VAL A 3 11.99 10.77 16.34
N ARG A 4 11.07 10.88 15.39
CA ARG A 4 10.47 9.71 14.77
C ARG A 4 10.88 9.55 13.31
N GLN A 5 11.63 8.49 13.01
CA GLN A 5 12.04 8.20 11.65
C GLN A 5 11.09 7.24 10.96
N SER A 6 11.00 7.34 9.64
CA SER A 6 10.13 6.49 8.84
C SER A 6 10.68 6.34 7.42
N PRO A 7 10.53 5.15 6.84
CA PRO A 7 9.90 3.97 7.44
C PRO A 7 10.84 3.23 8.38
N GLN A 8 10.34 2.17 9.00
CA GLN A 8 11.14 1.37 9.89
C GLN A 8 12.18 0.56 9.12
N SER A 9 11.85 0.23 7.88
CA SER A 9 12.75 -0.53 7.03
C SER A 9 12.56 -0.14 5.57
N LEU A 10 13.66 0.14 4.87
CA LEU A 10 13.57 0.58 3.49
C LEU A 10 14.46 -0.24 2.57
N THR A 11 13.88 -0.72 1.48
CA THR A 11 14.62 -1.48 0.48
C THR A 11 14.34 -0.96 -0.92
N VAL A 12 15.38 -0.56 -1.63
CA VAL A 12 15.23 -0.05 -2.99
C VAL A 12 16.13 -0.78 -3.99
N TRP A 13 15.85 -0.56 -5.27
CA TRP A 13 16.72 -1.05 -6.34
C TRP A 13 17.79 -0.02 -6.62
N GLU A 14 18.90 -0.44 -7.20
CA GLU A 14 19.98 0.49 -7.50
C GLU A 14 19.55 1.49 -8.58
N GLY A 15 20.04 2.71 -8.47
CA GLY A 15 19.66 3.76 -9.40
C GLY A 15 18.47 4.56 -8.91
N GLU A 16 17.60 3.90 -8.17
CA GLU A 16 16.41 4.56 -7.62
C GLU A 16 16.80 5.50 -6.50
N THR A 17 15.90 6.42 -6.15
CA THR A 17 16.16 7.35 -5.06
C THR A 17 15.53 6.88 -3.75
N ALA A 18 16.37 6.69 -2.74
CA ALA A 18 15.90 6.27 -1.42
C ALA A 18 15.41 7.48 -0.63
N ILE A 19 14.22 7.35 -0.04
CA ILE A 19 13.63 8.45 0.73
C ILE A 19 13.41 8.06 2.19
N LEU A 20 14.13 8.73 3.08
CA LEU A 20 14.03 8.46 4.51
C LEU A 20 13.39 9.64 5.23
N ASN A 21 12.22 9.39 5.83
CA ASN A 21 11.46 10.45 6.48
C ASN A 21 11.68 10.53 7.99
N CYS A 22 11.42 11.70 8.55
CA CYS A 22 11.56 11.93 9.98
C CYS A 22 10.72 13.13 10.43
N SER A 23 10.16 13.03 11.64
CA SER A 23 9.32 14.09 12.18
C SER A 23 9.57 14.32 13.66
N TYR A 24 9.27 15.53 14.13
CA TYR A 24 9.44 15.89 15.54
C TYR A 24 8.26 16.73 16.02
N GLU A 25 8.18 16.93 17.33
CA GLU A 25 7.06 17.66 17.92
C GLU A 25 7.49 18.94 18.66
N ASN A 26 8.72 18.96 19.13
CA ASN A 26 9.22 20.11 19.90
C ASN A 26 9.78 21.21 18.99
N SER A 27 9.23 22.41 19.14
CA SER A 27 9.61 23.54 18.31
C SER A 27 11.01 24.07 18.67
N ALA A 28 11.61 23.50 19.71
CA ALA A 28 12.93 23.92 20.15
C ALA A 28 14.02 23.51 19.17
N PHE A 29 13.79 22.41 18.46
CA PHE A 29 14.78 21.84 17.53
C PHE A 29 15.11 22.76 16.36
N ASP A 30 16.41 22.97 16.13
CA ASP A 30 16.88 23.86 15.08
C ASP A 30 18.02 23.22 14.29
N TYR A 31 18.49 22.06 14.74
CA TYR A 31 19.59 21.38 14.07
C TYR A 31 19.33 19.89 13.88
N PHE A 32 19.42 19.43 12.63
CA PHE A 32 19.08 18.06 12.30
C PHE A 32 20.16 17.38 11.47
N PRO A 33 21.12 16.73 12.15
CA PRO A 33 22.17 15.98 11.48
C PRO A 33 21.75 14.56 11.13
N TRP A 34 22.26 14.04 10.01
CA TRP A 34 22.01 12.65 9.63
C TRP A 34 23.30 11.86 9.71
N TYR A 35 23.26 10.76 10.47
CA TYR A 35 24.44 9.93 10.66
C TYR A 35 24.31 8.60 9.95
N GLN A 36 25.36 8.24 9.21
CA GLN A 36 25.41 6.99 8.47
C GLN A 36 26.25 5.96 9.20
N GLN A 37 25.66 4.78 9.43
CA GLN A 37 26.37 3.72 10.12
C GLN A 37 26.38 2.43 9.32
N PHE A 38 27.57 2.04 8.85
CA PHE A 38 27.74 0.76 8.19
C PHE A 38 27.88 -0.32 9.24
N PRO A 39 27.41 -1.54 8.93
CA PRO A 39 27.47 -2.67 9.86
C PRO A 39 28.87 -2.90 10.43
N GLY A 40 28.95 -3.05 11.75
CA GLY A 40 30.23 -3.29 12.41
C GLY A 40 31.04 -2.02 12.58
N GLU A 41 30.44 -0.88 12.22
CA GLU A 41 31.12 0.40 12.32
C GLU A 41 30.32 1.39 13.14
N GLY A 42 30.96 2.48 13.52
CA GLY A 42 30.30 3.54 14.26
C GLY A 42 29.63 4.54 13.34
N PRO A 43 28.65 5.29 13.88
CA PRO A 43 27.95 6.32 13.10
C PRO A 43 28.87 7.46 12.71
N ALA A 44 28.69 7.98 11.50
CA ALA A 44 29.46 9.12 11.03
C ALA A 44 28.52 10.12 10.38
N LEU A 45 28.74 11.40 10.65
CA LEU A 45 27.88 12.45 10.08
C LEU A 45 27.95 12.44 8.57
N LEU A 46 26.80 12.36 7.94
CA LEU A 46 26.71 12.34 6.49
C LEU A 46 26.37 13.73 5.97
N ILE A 47 25.29 14.30 6.52
CA ILE A 47 24.82 15.62 6.12
C ILE A 47 23.88 16.18 7.18
N SER A 48 23.93 17.49 7.38
CA SER A 48 23.12 18.15 8.40
C SER A 48 22.43 19.39 7.86
N ILE A 49 21.33 19.78 8.50
CA ILE A 49 20.58 20.96 8.08
C ILE A 49 20.03 21.72 9.29
N LEU A 50 19.80 23.02 9.11
CA LEU A 50 19.21 23.85 10.15
C LEU A 50 17.76 24.16 9.81
N SER A 51 16.94 24.39 10.84
CA SER A 51 15.52 24.63 10.64
C SER A 51 15.23 25.93 9.91
N VAL A 52 16.19 26.86 9.93
CA VAL A 52 16.05 28.11 9.21
C VAL A 52 16.24 27.88 7.72
N SER A 53 16.82 26.73 7.38
CA SER A 53 17.03 26.35 5.99
C SER A 53 15.86 25.52 5.48
N ASN A 54 15.78 25.36 4.17
CA ASN A 54 14.68 24.61 3.56
C ASN A 54 15.17 23.37 2.83
N LYS A 55 16.44 23.36 2.46
CA LYS A 55 17.01 22.27 1.68
C LYS A 55 18.53 22.26 1.80
N LYS A 56 19.09 21.07 2.01
CA LYS A 56 20.53 20.89 2.08
C LYS A 56 20.99 19.81 1.13
N GLU A 57 21.97 20.12 0.29
CA GLU A 57 22.44 19.19 -0.73
C GLU A 57 23.95 18.97 -0.68
N ASP A 58 24.35 17.71 -0.77
CA ASP A 58 25.77 17.36 -0.79
C ASP A 58 25.98 16.16 -1.73
N GLY A 59 26.27 16.45 -2.99
CA GLY A 59 26.45 15.41 -3.98
C GLY A 59 25.14 14.72 -4.30
N ARG A 60 25.11 13.41 -4.11
CA ARG A 60 23.92 12.62 -4.40
C ARG A 60 22.91 12.64 -3.25
N PHE A 61 23.30 13.26 -2.15
CA PHE A 61 22.47 13.29 -0.95
C PHE A 61 21.82 14.66 -0.75
N THR A 62 20.53 14.66 -0.41
CA THR A 62 19.80 15.91 -0.24
C THR A 62 18.78 15.83 0.88
N ILE A 63 18.74 16.87 1.71
CA ILE A 63 17.77 16.96 2.80
C ILE A 63 16.68 17.98 2.48
N PHE A 64 15.43 17.55 2.59
CA PHE A 64 14.29 18.44 2.42
C PHE A 64 13.68 18.72 3.78
N PHE A 65 13.38 19.98 4.06
CA PHE A 65 12.94 20.37 5.40
C PHE A 65 11.62 21.14 5.39
N ASN A 66 10.71 20.75 6.28
CA ASN A 66 9.45 21.45 6.45
C ASN A 66 9.26 21.87 7.91
N LYS A 67 9.51 23.14 8.20
CA LYS A 67 9.47 23.64 9.56
C LYS A 67 8.05 23.69 10.10
N ARG A 68 7.11 24.12 9.25
CA ARG A 68 5.71 24.22 9.65
C ARG A 68 5.14 22.85 9.98
N GLU A 69 5.50 21.84 9.18
CA GLU A 69 5.02 20.48 9.41
C GLU A 69 5.90 19.74 10.42
N LYS A 70 7.02 20.33 10.76
CA LYS A 70 8.01 19.72 11.65
C LYS A 70 8.42 18.36 11.12
N LYS A 71 8.59 18.28 9.80
CA LYS A 71 9.02 17.06 9.14
C LYS A 71 10.22 17.32 8.25
N LEU A 72 11.00 16.29 8.00
CA LEU A 72 12.10 16.39 7.07
C LEU A 72 12.31 15.05 6.37
N SER A 73 13.12 15.04 5.31
CA SER A 73 13.31 13.84 4.53
C SER A 73 14.69 13.80 3.88
N LEU A 74 15.30 12.62 3.85
CA LEU A 74 16.60 12.44 3.24
C LEU A 74 16.49 11.65 1.93
N HIS A 75 16.97 12.26 0.85
CA HIS A 75 16.88 11.64 -0.46
C HIS A 75 18.25 11.25 -0.99
N ILE A 76 18.41 9.96 -1.32
CA ILE A 76 19.65 9.48 -1.91
C ILE A 76 19.44 9.20 -3.39
N ALA A 77 19.77 10.18 -4.22
CA ALA A 77 19.60 10.06 -5.67
C ALA A 77 20.62 9.09 -6.25
N ASP A 78 20.18 8.30 -7.22
CA ASP A 78 21.02 7.30 -7.86
C ASP A 78 21.69 6.42 -6.80
N SER A 79 20.87 5.83 -5.94
CA SER A 79 21.36 5.04 -4.83
C SER A 79 22.18 3.85 -5.31
N GLN A 80 23.26 3.56 -4.59
CA GLN A 80 24.15 2.47 -4.94
C GLN A 80 24.12 1.44 -3.81
N PRO A 81 24.43 0.17 -4.14
CA PRO A 81 24.47 -0.85 -3.08
C PRO A 81 25.48 -0.51 -2.00
N GLY A 82 26.48 0.30 -2.35
CA GLY A 82 27.52 0.70 -1.42
C GLY A 82 27.02 1.55 -0.27
N ASP A 83 25.97 2.33 -0.51
CA ASP A 83 25.46 3.21 0.52
C ASP A 83 24.30 2.56 1.29
N SER A 84 24.10 1.27 1.05
CA SER A 84 23.07 0.54 1.78
C SER A 84 23.51 0.31 3.22
N ALA A 85 22.81 0.95 4.16
CA ALA A 85 23.13 0.85 5.58
C ALA A 85 21.97 1.35 6.44
N THR A 86 22.20 1.47 7.74
CA THR A 86 21.20 2.04 8.63
C THR A 86 21.47 3.53 8.83
N TYR A 87 20.44 4.34 8.66
CA TYR A 87 20.60 5.80 8.72
C TYR A 87 19.86 6.41 9.91
N PHE A 88 20.60 7.17 10.71
CA PHE A 88 20.02 7.79 11.90
C PHE A 88 19.89 9.30 11.73
N CYS A 89 18.75 9.82 12.16
CA CYS A 89 18.53 11.26 12.17
C CYS A 89 18.50 11.79 13.60
N ALA A 90 19.25 12.84 13.85
CA ALA A 90 19.31 13.42 15.19
C ALA A 90 18.72 14.82 15.19
N ALA A 91 18.56 15.39 16.39
CA ALA A 91 17.95 16.71 16.52
C ALA A 91 18.53 17.48 17.69
N SER A 92 18.81 18.75 17.45
CA SER A 92 19.32 19.64 18.49
C SER A 92 18.61 20.98 18.46
N ALA A 93 18.69 21.71 19.57
CA ALA A 93 18.01 23.00 19.69
C ALA A 93 18.80 24.27 19.41
N SER A 94 19.71 24.61 20.33
CA SER A 94 20.56 25.78 20.17
C SER A 94 21.68 25.58 19.16
N PHE A 95 22.00 24.32 18.87
CA PHE A 95 23.11 23.94 18.00
C PHE A 95 24.46 24.41 18.55
N GLY A 96 24.45 24.94 19.78
CA GLY A 96 25.68 25.29 20.46
C GLY A 96 26.21 24.04 21.12
N ASP A 97 27.21 24.18 21.99
CA ASP A 97 27.74 23.04 22.71
C ASP A 97 26.65 22.46 23.63
N ASN A 98 26.95 21.29 24.21
CA ASN A 98 25.96 20.48 24.93
C ASN A 98 24.61 20.47 24.22
N SER A 99 24.67 20.31 22.90
CA SER A 99 23.51 20.34 22.03
C SER A 99 22.45 19.32 22.44
N LYS A 100 22.91 18.24 23.06
CA LYS A 100 22.04 17.14 23.48
C LYS A 100 21.25 16.63 22.29
N LEU A 101 21.94 15.87 21.44
CA LEU A 101 21.32 15.35 20.22
C LEU A 101 20.28 14.30 20.58
N ILE A 102 19.06 14.50 20.08
CA ILE A 102 18.01 13.52 20.27
C ILE A 102 17.99 12.61 19.06
N TRP A 103 18.24 11.33 19.28
CA TRP A 103 18.42 10.38 18.18
C TRP A 103 17.12 9.71 17.76
N GLY A 104 16.97 9.53 16.45
CA GLY A 104 15.88 8.72 15.92
C GLY A 104 16.29 7.27 16.01
N LEU A 105 15.31 6.38 15.89
CA LEU A 105 15.59 4.96 16.01
C LEU A 105 16.25 4.39 14.76
N GLY A 106 16.46 5.26 13.77
CA GLY A 106 17.18 4.89 12.57
C GLY A 106 16.35 4.16 11.54
N THR A 107 16.79 4.20 10.29
CA THR A 107 16.13 3.48 9.21
C THR A 107 17.14 2.65 8.44
N SER A 108 16.91 1.34 8.41
CA SER A 108 17.79 0.43 7.69
C SER A 108 17.52 0.49 6.19
N LEU A 109 18.54 0.81 5.41
CA LEU A 109 18.41 0.91 3.97
C LEU A 109 19.15 -0.20 3.25
N VAL A 110 18.49 -0.84 2.29
CA VAL A 110 19.10 -1.87 1.47
C VAL A 110 18.92 -1.55 -0.01
N VAL A 111 20.03 -1.36 -0.72
CA VAL A 111 19.97 -1.03 -2.14
C VAL A 111 20.33 -2.24 -3.01
N ASN A 112 19.30 -2.84 -3.61
CA ASN A 112 19.47 -4.01 -4.45
C ASN A 112 20.00 -3.69 -5.84
N PRO A 113 20.95 -4.50 -6.33
CA PRO A 113 21.56 -4.35 -7.65
C PRO A 113 20.71 -4.95 -8.78
N ASN A 114 20.70 -4.29 -9.93
CA ASN A 114 19.99 -4.80 -11.11
C ASN A 114 20.80 -5.89 -11.81
N ILE A 115 20.38 -7.14 -11.65
CA ILE A 115 21.06 -8.24 -12.31
C ILE A 115 20.31 -8.67 -13.57
N GLN A 116 20.98 -8.53 -14.72
CA GLN A 116 20.39 -8.92 -15.99
C GLN A 116 20.63 -10.40 -16.27
N ASN A 117 19.60 -11.08 -16.75
CA ASN A 117 19.63 -12.51 -17.03
C ASN A 117 20.07 -13.34 -15.84
N PRO A 118 19.20 -13.47 -14.82
CA PRO A 118 19.50 -14.32 -13.66
C PRO A 118 19.37 -15.80 -13.98
N GLU A 119 20.26 -16.61 -13.43
CA GLU A 119 20.20 -18.06 -13.66
C GLU A 119 20.13 -18.81 -12.34
N PRO A 120 18.97 -18.75 -11.67
CA PRO A 120 18.82 -19.34 -10.34
C PRO A 120 19.00 -20.85 -10.33
N ALA A 121 19.99 -21.31 -9.57
CA ALA A 121 20.26 -22.74 -9.46
C ALA A 121 20.73 -23.08 -8.05
N VAL A 122 20.37 -24.27 -7.59
CA VAL A 122 20.78 -24.74 -6.27
C VAL A 122 21.86 -25.82 -6.37
N TYR A 123 22.96 -25.62 -5.66
CA TYR A 123 24.06 -26.57 -5.68
C TYR A 123 24.39 -27.08 -4.29
N GLN A 124 24.76 -28.35 -4.20
CA GLN A 124 25.13 -28.96 -2.94
C GLN A 124 26.64 -29.10 -2.82
N LEU A 125 27.19 -28.60 -1.72
CA LEU A 125 28.63 -28.63 -1.51
C LEU A 125 29.00 -29.61 -0.40
N LYS A 126 30.29 -29.94 -0.32
CA LYS A 126 30.76 -30.97 0.60
C LYS A 126 32.08 -30.60 1.28
N ASP A 127 32.19 -30.93 2.56
CA ASP A 127 33.41 -30.74 3.31
C ASP A 127 34.20 -32.05 3.34
N PRO A 128 35.30 -32.11 2.59
CA PRO A 128 36.12 -33.32 2.47
C PRO A 128 36.73 -33.74 3.81
N ARG A 129 37.05 -32.76 4.64
CA ARG A 129 37.71 -33.02 5.91
C ARG A 129 36.82 -33.81 6.85
N SER A 130 35.51 -33.68 6.67
CA SER A 130 34.54 -34.43 7.46
C SER A 130 33.41 -34.93 6.58
N GLN A 131 33.38 -36.24 6.38
CA GLN A 131 32.41 -36.87 5.48
C GLN A 131 30.97 -36.68 5.95
N ASP A 132 30.03 -37.13 5.12
CA ASP A 132 28.58 -37.05 5.37
C ASP A 132 28.15 -35.71 5.99
N SER A 133 28.69 -34.62 5.46
CA SER A 133 28.31 -33.28 5.89
C SER A 133 27.69 -32.52 4.72
N THR A 134 26.37 -32.37 4.75
CA THR A 134 25.64 -31.78 3.63
C THR A 134 25.52 -30.26 3.74
N LEU A 135 25.77 -29.59 2.62
CA LEU A 135 25.62 -28.14 2.54
C LEU A 135 24.84 -27.74 1.29
N CYS A 136 23.93 -26.79 1.43
CA CYS A 136 23.12 -26.34 0.31
C CYS A 136 23.42 -24.90 -0.08
N LEU A 137 23.46 -24.63 -1.38
CA LEU A 137 23.77 -23.30 -1.89
C LEU A 137 22.78 -22.84 -2.96
N PHE A 138 22.13 -21.71 -2.71
CA PHE A 138 21.24 -21.09 -3.68
C PHE A 138 21.88 -19.83 -4.25
N THR A 139 22.05 -19.77 -5.56
CA THR A 139 22.74 -18.64 -6.17
C THR A 139 22.19 -18.22 -7.52
N ASP A 140 22.62 -17.04 -7.97
CA ASP A 140 22.23 -16.47 -9.26
C ASP A 140 20.72 -16.32 -9.42
N PHE A 141 20.02 -16.21 -8.31
CA PHE A 141 18.58 -15.96 -8.35
C PHE A 141 18.34 -14.46 -8.38
N ASP A 142 17.12 -14.07 -8.74
CA ASP A 142 16.81 -12.65 -8.87
C ASP A 142 16.62 -12.01 -7.50
N SER A 143 16.79 -10.71 -7.43
CA SER A 143 16.82 -10.01 -6.16
C SER A 143 15.45 -9.87 -5.49
N GLN A 144 14.38 -9.95 -6.28
CA GLN A 144 13.04 -9.80 -5.71
C GLN A 144 12.55 -11.11 -5.14
N ILE A 145 13.26 -12.18 -5.42
CA ILE A 145 12.93 -13.48 -4.85
C ILE A 145 13.15 -13.47 -3.35
N ASN A 146 12.10 -13.76 -2.60
CA ASN A 146 12.17 -13.78 -1.14
C ASN A 146 12.68 -15.14 -0.65
N VAL A 147 13.85 -15.14 -0.03
CA VAL A 147 14.44 -16.37 0.51
C VAL A 147 13.62 -16.93 1.66
N PRO A 148 13.06 -18.14 1.48
CA PRO A 148 12.19 -18.79 2.47
C PRO A 148 12.91 -19.13 3.78
N LYS A 149 12.26 -18.85 4.90
CA LYS A 149 12.78 -19.25 6.21
C LYS A 149 11.96 -20.40 6.76
N THR A 150 12.63 -21.35 7.42
CA THR A 150 11.96 -22.52 7.95
C THR A 150 12.61 -22.98 9.25
N MET A 151 11.79 -23.30 10.25
CA MET A 151 12.29 -23.79 11.53
C MET A 151 12.02 -25.28 11.67
N GLU A 152 13.02 -26.09 11.31
CA GLU A 152 12.89 -27.54 11.42
C GLU A 152 13.62 -28.08 12.64
N SER A 153 14.08 -27.16 13.50
CA SER A 153 14.82 -27.51 14.72
C SER A 153 16.02 -28.40 14.40
N GLY A 154 17.04 -27.81 13.81
CA GLY A 154 18.23 -28.54 13.40
C GLY A 154 18.64 -28.12 12.02
N THR A 155 17.77 -27.36 11.36
CA THR A 155 18.04 -26.84 10.03
C THR A 155 18.15 -25.33 10.07
N PHE A 156 19.17 -24.78 9.41
CA PHE A 156 19.43 -23.35 9.43
C PHE A 156 19.68 -22.78 8.04
N ILE A 157 19.08 -21.61 7.78
CA ILE A 157 19.23 -20.92 6.50
C ILE A 157 19.70 -19.49 6.72
N THR A 158 20.73 -19.09 5.98
CA THR A 158 21.26 -17.74 6.09
C THR A 158 20.45 -16.76 5.25
N ASP A 159 20.55 -15.48 5.59
CA ASP A 159 19.91 -14.44 4.80
C ASP A 159 20.63 -14.28 3.47
N LYS A 160 19.96 -13.66 2.50
CA LYS A 160 20.57 -13.42 1.20
C LYS A 160 21.76 -12.46 1.36
N CYS A 161 22.77 -12.62 0.51
CA CYS A 161 23.96 -11.80 0.60
C CYS A 161 24.51 -11.49 -0.80
N VAL A 162 24.49 -10.22 -1.16
CA VAL A 162 24.93 -9.78 -2.49
C VAL A 162 26.44 -9.86 -2.64
N LEU A 163 26.89 -10.50 -3.71
CA LEU A 163 28.31 -10.68 -3.96
C LEU A 163 28.79 -9.82 -5.14
N ASP A 164 30.04 -9.38 -5.07
CA ASP A 164 30.62 -8.58 -6.15
C ASP A 164 32.01 -9.06 -6.57
N MET A 165 32.10 -9.60 -7.78
CA MET A 165 33.38 -9.97 -8.37
C MET A 165 33.92 -8.82 -9.23
N LYS A 166 35.22 -8.56 -9.16
CA LYS A 166 35.78 -7.45 -9.91
C LYS A 166 35.82 -7.72 -11.40
N ALA A 167 35.80 -8.99 -11.78
CA ALA A 167 35.79 -9.37 -13.19
C ALA A 167 34.37 -9.32 -13.75
N MET A 168 34.23 -8.77 -14.96
CA MET A 168 32.93 -8.61 -15.64
C MET A 168 31.64 -8.07 -14.99
N ASP A 169 31.59 -6.76 -14.80
CA ASP A 169 30.61 -6.07 -13.96
C ASP A 169 29.44 -7.06 -14.16
N SER A 170 29.14 -7.82 -13.10
CA SER A 170 27.90 -8.54 -12.89
C SER A 170 27.82 -9.07 -11.45
N LYS A 171 26.92 -8.47 -10.67
CA LYS A 171 26.64 -8.86 -9.28
C LYS A 171 25.87 -10.18 -9.17
N SER A 172 26.04 -10.86 -8.03
CA SER A 172 25.39 -12.15 -7.81
C SER A 172 24.86 -12.32 -6.38
N ASN A 173 23.72 -12.99 -6.26
CA ASN A 173 23.12 -13.32 -4.96
C ASN A 173 23.49 -14.71 -4.49
N GLY A 174 23.42 -14.92 -3.17
CA GLY A 174 23.77 -16.22 -2.60
C GLY A 174 23.05 -16.52 -1.29
N ALA A 175 22.73 -17.79 -1.08
CA ALA A 175 22.09 -18.24 0.16
C ALA A 175 22.65 -19.58 0.62
N ILE A 176 22.72 -19.78 1.94
CA ILE A 176 23.31 -20.98 2.51
C ILE A 176 22.33 -21.75 3.41
N ALA A 177 22.27 -23.07 3.23
CA ALA A 177 21.44 -23.92 4.06
C ALA A 177 22.22 -25.14 4.53
N TRP A 178 22.01 -25.56 5.78
CA TRP A 178 22.68 -26.74 6.32
C TRP A 178 21.84 -27.39 7.42
N SER A 179 22.19 -28.62 7.76
CA SER A 179 21.49 -29.35 8.82
C SER A 179 22.42 -30.32 9.54
N ASN A 180 22.11 -30.61 10.79
CA ASN A 180 22.91 -31.54 11.58
C ASN A 180 22.65 -32.98 11.21
N GLN A 181 21.65 -33.20 10.35
CA GLN A 181 21.30 -34.53 9.89
C GLN A 181 22.22 -34.99 8.77
N THR A 182 22.57 -36.28 8.79
CA THR A 182 23.52 -36.85 7.84
C THR A 182 23.03 -36.80 6.40
N SER A 183 21.77 -37.17 6.17
CA SER A 183 21.25 -37.28 4.81
C SER A 183 20.04 -36.39 4.54
N PHE A 184 20.23 -35.40 3.66
CA PHE A 184 19.15 -34.53 3.22
C PHE A 184 19.58 -33.76 1.98
N THR A 185 18.72 -33.74 0.95
CA THR A 185 19.06 -33.09 -0.31
C THR A 185 18.67 -31.62 -0.34
N CYS A 186 19.32 -30.86 -1.22
CA CYS A 186 19.07 -29.44 -1.35
C CYS A 186 17.94 -29.15 -2.33
N GLN A 187 17.55 -30.16 -3.09
CA GLN A 187 16.55 -30.01 -4.14
C GLN A 187 15.21 -29.50 -3.61
N ASP A 188 14.76 -30.06 -2.50
CA ASP A 188 13.48 -29.67 -1.92
C ASP A 188 13.70 -28.77 -0.71
N ILE A 189 13.22 -27.53 -0.81
CA ILE A 189 13.37 -26.57 0.28
C ILE A 189 12.28 -25.51 0.21
N VAL B 3 40.44 11.80 15.37
CA VAL B 3 40.19 10.37 15.38
C VAL B 3 40.15 9.82 16.81
N THR B 4 39.09 9.09 17.12
CA THR B 4 38.93 8.49 18.43
C THR B 4 39.14 6.98 18.39
N GLN B 5 39.81 6.44 19.41
CA GLN B 5 40.13 5.02 19.47
C GLN B 5 39.76 4.39 20.80
N MET B 6 39.64 3.07 20.81
CA MET B 6 39.29 2.31 22.01
C MET B 6 39.50 0.81 21.77
N PRO B 7 39.70 0.02 22.84
CA PRO B 7 39.84 -1.44 22.73
C PRO B 7 38.66 -2.09 22.03
N ARG B 8 38.94 -3.03 21.12
CA ARG B 8 37.92 -3.53 20.21
C ARG B 8 37.01 -4.57 20.84
N TYR B 9 37.61 -5.64 21.35
CA TYR B 9 36.84 -6.73 21.95
C TYR B 9 37.26 -6.98 23.40
N LEU B 10 36.31 -7.40 24.23
CA LEU B 10 36.59 -7.67 25.63
C LEU B 10 35.60 -8.68 26.21
N ILE B 11 36.11 -9.63 26.98
CA ILE B 11 35.27 -10.62 27.65
C ILE B 11 35.48 -10.55 29.15
N LYS B 12 34.39 -10.32 29.87
CA LYS B 12 34.45 -10.24 31.33
C LYS B 12 33.35 -11.09 31.95
N ARG B 13 33.62 -11.63 33.15
CA ARG B 13 32.62 -12.38 33.89
C ARG B 13 31.68 -11.41 34.60
N MET B 14 30.45 -11.83 34.85
CA MET B 14 29.53 -11.01 35.61
C MET B 14 29.93 -10.97 37.08
N GLY B 15 29.86 -9.81 37.69
CA GLY B 15 30.14 -9.67 39.10
C GLY B 15 31.35 -8.82 39.45
N GLU B 16 32.34 -8.78 38.56
CA GLU B 16 33.56 -8.02 38.84
C GLU B 16 33.60 -6.72 38.05
N ASN B 17 34.59 -5.88 38.37
CA ASN B 17 34.71 -4.56 37.78
C ASN B 17 35.16 -4.60 36.32
N VAL B 18 34.72 -3.61 35.55
CA VAL B 18 35.07 -3.49 34.14
C VAL B 18 35.49 -2.05 33.82
N LEU B 19 36.51 -1.89 32.97
CA LEU B 19 36.97 -0.56 32.59
C LEU B 19 37.08 -0.40 31.07
N LEU B 20 36.44 0.65 30.55
CA LEU B 20 36.53 1.00 29.13
C LEU B 20 37.18 2.37 28.97
N GLU B 21 38.11 2.48 28.03
CA GLU B 21 38.83 3.73 27.84
C GLU B 21 38.62 4.32 26.45
N CYS B 22 38.72 5.64 26.34
CA CYS B 22 38.53 6.33 25.07
C CYS B 22 39.42 7.57 24.99
N GLY B 23 39.89 7.89 23.78
CA GLY B 23 40.78 9.03 23.59
C GLY B 23 40.58 9.78 22.28
N GLN B 24 41.03 11.03 22.26
CA GLN B 24 40.92 11.87 21.06
C GLN B 24 42.09 12.84 20.98
N ASP B 25 42.41 13.27 19.75
CA ASP B 25 43.61 14.09 19.52
C ASP B 25 43.29 15.48 18.98
N MET B 26 42.06 15.94 19.24
CA MET B 26 41.63 17.23 18.73
C MET B 26 41.39 18.22 19.87
N SER B 27 41.60 17.74 21.09
CA SER B 27 41.58 18.56 22.31
C SER B 27 40.31 19.40 22.49
N HIS B 28 39.17 18.87 22.05
CA HIS B 28 37.89 19.55 22.25
C HIS B 28 37.39 19.32 23.67
N GLU B 29 36.16 19.75 23.94
CA GLU B 29 35.63 19.70 25.30
C GLU B 29 34.67 18.55 25.58
N THR B 30 33.63 18.42 24.76
CA THR B 30 32.53 17.52 25.08
C THR B 30 32.73 16.10 24.54
N MET B 31 32.59 15.13 25.42
CA MET B 31 32.67 13.72 25.05
C MET B 31 31.44 12.97 25.54
N TYR B 32 31.17 11.81 24.94
CA TYR B 32 29.99 11.03 25.28
C TYR B 32 30.29 9.54 25.36
N TRP B 33 29.41 8.80 26.05
CA TRP B 33 29.46 7.35 26.06
C TRP B 33 28.11 6.76 25.67
N TYR B 34 28.10 5.98 24.61
CA TYR B 34 26.88 5.35 24.14
C TYR B 34 26.97 3.82 24.18
N ARG B 35 25.84 3.18 24.37
CA ARG B 35 25.76 1.73 24.19
C ARG B 35 24.69 1.43 23.15
N GLN B 36 24.92 0.38 22.38
CA GLN B 36 23.95 -0.02 21.37
C GLN B 36 23.84 -1.53 21.29
N ASP B 37 22.63 -2.03 21.55
CA ASP B 37 22.38 -3.45 21.35
C ASP B 37 22.51 -3.74 19.86
N PRO B 38 23.07 -4.90 19.53
CA PRO B 38 23.43 -5.27 18.15
C PRO B 38 22.24 -5.21 17.18
N GLY B 39 21.04 -5.29 17.73
CA GLY B 39 19.84 -5.33 16.91
C GLY B 39 19.11 -4.03 16.59
N LEU B 40 19.23 -3.03 17.45
CA LEU B 40 18.35 -1.86 17.27
C LEU B 40 18.83 -0.51 17.82
N GLY B 41 18.59 -0.27 19.10
CA GLY B 41 18.78 1.05 19.68
C GLY B 41 20.15 1.52 20.14
N LEU B 42 20.42 2.79 19.85
CA LEU B 42 21.58 3.52 20.34
C LEU B 42 21.22 4.31 21.59
N GLN B 43 21.86 3.98 22.71
CA GLN B 43 21.47 4.52 24.01
C GLN B 43 22.59 5.30 24.69
N LEU B 44 22.24 6.42 25.29
CA LEU B 44 23.23 7.28 25.95
C LEU B 44 23.44 6.89 27.41
N ILE B 45 24.70 6.84 27.82
CA ILE B 45 25.04 6.45 29.18
C ILE B 45 25.43 7.66 30.04
N TYR B 46 26.46 8.37 29.61
CA TYR B 46 26.98 9.52 30.36
C TYR B 46 27.51 10.62 29.45
N ILE B 47 27.62 11.82 30.00
CA ILE B 47 28.16 12.96 29.26
C ILE B 47 29.24 13.67 30.06
N SER B 48 30.37 13.95 29.43
CA SER B 48 31.42 14.74 30.06
C SER B 48 31.65 16.02 29.26
N TYR B 49 31.47 17.15 29.94
CA TYR B 49 31.60 18.45 29.28
C TYR B 49 33.04 18.93 29.32
N ASP B 50 33.73 18.60 30.42
CA ASP B 50 35.15 18.88 30.55
C ASP B 50 35.73 18.02 31.67
N VAL B 51 36.92 18.39 32.15
CA VAL B 51 37.56 17.64 33.22
C VAL B 51 36.75 17.72 34.51
N ASP B 52 36.43 16.55 35.06
CA ASP B 52 35.66 16.43 36.30
C ASP B 52 34.26 17.02 36.20
N SER B 53 33.76 17.19 34.98
CA SER B 53 32.40 17.68 34.78
C SER B 53 31.56 16.66 34.04
N ASN B 54 30.96 15.74 34.79
CA ASN B 54 30.20 14.67 34.18
C ASN B 54 28.72 14.73 34.56
N SER B 55 27.87 14.30 33.64
CA SER B 55 26.42 14.29 33.88
C SER B 55 25.79 12.99 33.39
N GLU B 56 24.83 12.50 34.15
CA GLU B 56 24.13 11.26 33.82
C GLU B 56 23.40 11.37 32.48
N GLY B 57 23.36 10.26 31.75
CA GLY B 57 22.65 10.22 30.48
C GLY B 57 21.26 9.66 30.67
N ASP B 58 20.81 8.87 29.69
CA ASP B 58 19.47 8.29 29.76
C ASP B 58 19.44 7.08 30.68
N ILE B 59 20.52 6.30 30.65
CA ILE B 59 20.62 5.11 31.50
C ILE B 59 21.96 5.04 32.23
N PRO B 60 22.16 5.93 33.21
CA PRO B 60 23.40 5.98 33.98
C PRO B 60 23.49 4.84 34.99
N LYS B 61 22.35 4.20 35.24
CA LYS B 61 22.25 3.13 36.21
C LYS B 61 23.18 1.97 35.88
N GLY B 62 24.07 1.65 36.82
CA GLY B 62 25.02 0.57 36.62
C GLY B 62 26.32 1.04 36.00
N TYR B 63 26.44 2.36 35.83
CA TYR B 63 27.63 2.93 35.21
C TYR B 63 28.18 4.10 35.99
N ARG B 64 29.47 4.38 35.81
CA ARG B 64 30.10 5.58 36.35
C ARG B 64 31.31 5.93 35.49
N VAL B 65 31.70 7.20 35.49
CA VAL B 65 32.73 7.68 34.57
C VAL B 65 33.85 8.46 35.25
N SER B 66 34.89 8.78 34.48
CA SER B 66 36.02 9.54 34.99
C SER B 66 36.77 10.27 33.88
N ARG B 67 36.84 11.60 33.99
CA ARG B 67 37.63 12.41 33.07
C ARG B 67 38.58 13.33 33.82
N LYS B 68 39.81 12.88 34.00
CA LYS B 68 40.82 13.68 34.69
C LYS B 68 41.66 14.45 33.68
N LYS B 69 41.52 14.09 32.41
CA LYS B 69 42.19 14.80 31.33
C LYS B 69 41.23 14.95 30.16
N ARG B 70 41.37 16.05 29.43
CA ARG B 70 40.46 16.37 28.33
C ARG B 70 40.52 15.35 27.20
N GLU B 71 41.72 14.83 26.94
CA GLU B 71 41.94 13.93 25.82
C GLU B 71 41.42 12.51 26.06
N HIS B 72 41.21 12.13 27.32
CA HIS B 72 40.82 10.76 27.62
C HIS B 72 39.54 10.68 28.44
N PHE B 73 38.76 9.63 28.19
CA PHE B 73 37.49 9.42 28.88
C PHE B 73 37.28 7.94 29.17
N SER B 74 37.21 7.59 30.45
CA SER B 74 37.07 6.20 30.86
C SER B 74 35.68 5.87 31.39
N LEU B 75 35.16 4.72 30.96
CA LEU B 75 33.89 4.22 31.48
C LEU B 75 34.13 3.10 32.48
N ILE B 76 33.46 3.18 33.64
CA ILE B 76 33.71 2.23 34.70
C ILE B 76 32.47 1.48 35.15
N LEU B 77 32.54 0.15 35.10
CA LEU B 77 31.47 -0.71 35.58
C LEU B 77 31.96 -1.46 36.81
N ASP B 78 31.46 -1.08 37.99
CA ASP B 78 31.91 -1.68 39.24
C ASP B 78 31.48 -3.14 39.38
N SER B 79 30.31 -3.47 38.83
CA SER B 79 29.80 -4.83 38.86
C SER B 79 29.08 -5.17 37.56
N ALA B 80 29.72 -6.00 36.74
CA ALA B 80 29.17 -6.33 35.43
C ALA B 80 27.90 -7.18 35.54
N LYS B 81 26.90 -6.83 34.74
CA LYS B 81 25.65 -7.57 34.69
C LYS B 81 25.45 -8.21 33.31
N THR B 82 24.59 -9.22 33.25
CA THR B 82 24.33 -9.93 32.00
C THR B 82 23.60 -9.05 30.99
N ASN B 83 22.75 -8.16 31.50
CA ASN B 83 21.99 -7.27 30.62
C ASN B 83 22.82 -6.10 30.08
N GLN B 84 24.07 -6.01 30.53
CA GLN B 84 24.96 -4.95 30.08
C GLN B 84 25.87 -5.43 28.95
N THR B 85 25.33 -6.33 28.12
CA THR B 85 26.06 -6.83 26.96
C THR B 85 25.61 -6.12 25.69
N SER B 86 26.48 -5.25 25.16
CA SER B 86 26.18 -4.52 23.93
C SER B 86 27.45 -3.93 23.36
N VAL B 87 27.30 -3.18 22.28
CA VAL B 87 28.42 -2.47 21.68
C VAL B 87 28.47 -1.06 22.24
N TYR B 88 29.60 -0.71 22.85
CA TYR B 88 29.74 0.59 23.47
C TYR B 88 30.51 1.56 22.59
N PHE B 89 29.92 2.73 22.36
CA PHE B 89 30.53 3.75 21.50
C PHE B 89 30.90 4.99 22.29
N CYS B 90 32.18 5.34 22.24
CA CYS B 90 32.64 6.62 22.76
C CYS B 90 32.42 7.68 21.69
N ALA B 91 31.87 8.83 22.08
CA ALA B 91 31.56 9.88 21.11
C ALA B 91 32.26 11.18 21.47
N SER B 92 32.48 12.01 20.46
CA SER B 92 33.22 13.25 20.64
C SER B 92 32.77 14.32 19.65
N SER B 93 32.92 15.58 20.03
CA SER B 93 32.50 16.68 19.18
C SER B 93 33.28 17.97 19.45
N LEU B 94 33.64 18.67 18.38
CA LEU B 94 34.32 19.96 18.49
C LEU B 94 33.54 21.08 17.80
N GLY B 95 33.37 22.19 18.51
CA GLY B 95 32.68 23.34 17.97
C GLY B 95 31.22 23.10 17.67
N HIS B 96 30.66 22.07 18.32
CA HIS B 96 29.24 21.68 18.19
C HIS B 96 28.68 21.74 16.77
N THR B 97 29.37 21.12 15.83
CA THR B 97 28.90 21.09 14.45
C THR B 97 28.81 19.65 13.97
N GLU B 98 29.55 18.76 14.63
CA GLU B 98 29.58 17.36 14.25
C GLU B 98 30.12 16.48 15.38
N VAL B 99 29.46 15.34 15.59
CA VAL B 99 29.89 14.39 16.61
C VAL B 99 30.63 13.20 15.99
N PHE B 100 31.82 12.93 16.52
CA PHE B 100 32.63 11.81 16.04
C PHE B 100 32.46 10.57 16.91
N PHE B 101 32.30 9.41 16.26
CA PHE B 101 32.20 8.15 16.97
C PHE B 101 33.42 7.28 16.72
N GLY B 102 33.79 6.48 17.70
CA GLY B 102 34.90 5.56 17.56
C GLY B 102 34.46 4.30 16.84
N LYS B 103 35.38 3.33 16.72
CA LYS B 103 35.06 2.08 16.04
C LYS B 103 34.20 1.17 16.89
N GLY B 104 34.09 1.48 18.19
CA GLY B 104 33.23 0.74 19.08
C GLY B 104 33.94 -0.37 19.84
N THR B 105 33.36 -0.76 20.97
CA THR B 105 33.88 -1.85 21.77
C THR B 105 32.81 -2.90 22.05
N ARG B 106 33.00 -4.11 21.53
CA ARG B 106 32.05 -5.17 21.74
C ARG B 106 32.32 -5.86 23.08
N LEU B 107 31.50 -5.55 24.06
CA LEU B 107 31.65 -6.13 25.39
C LEU B 107 30.63 -7.23 25.64
N THR B 108 31.13 -8.41 26.01
CA THR B 108 30.26 -9.53 26.33
C THR B 108 30.48 -9.98 27.78
N VAL B 109 29.42 -9.87 28.58
CA VAL B 109 29.46 -10.28 29.98
C VAL B 109 28.86 -11.66 30.14
N VAL B 110 29.64 -12.59 30.66
CA VAL B 110 29.19 -13.97 30.80
C VAL B 110 29.01 -14.35 32.27
N GLU B 111 28.13 -15.32 32.50
CA GLU B 111 27.90 -15.81 33.85
C GLU B 111 29.04 -16.73 34.28
N ASP B 112 29.42 -17.64 33.38
CA ASP B 112 30.49 -18.59 33.65
C ASP B 112 31.50 -18.56 32.50
N LEU B 113 32.75 -18.29 32.84
CA LEU B 113 33.82 -18.17 31.86
C LEU B 113 34.08 -19.48 31.12
N ARG B 114 33.69 -20.59 31.74
CA ARG B 114 33.93 -21.91 31.18
C ARG B 114 33.10 -22.20 29.94
N ASN B 115 32.08 -21.36 29.72
CA ASN B 115 31.23 -21.52 28.55
C ASN B 115 31.86 -20.90 27.31
N VAL B 116 32.99 -20.23 27.51
CA VAL B 116 33.71 -19.61 26.41
C VAL B 116 34.52 -20.65 25.63
N THR B 117 34.15 -20.86 24.37
CA THR B 117 34.82 -21.85 23.53
C THR B 117 35.17 -21.27 22.17
N PRO B 118 36.34 -21.66 21.64
CA PRO B 118 36.76 -21.29 20.29
C PRO B 118 35.86 -21.91 19.22
N PRO B 119 35.87 -21.35 18.00
CA PRO B 119 35.01 -21.85 16.92
C PRO B 119 35.58 -23.06 16.19
N LYS B 120 34.69 -23.86 15.60
CA LYS B 120 35.10 -24.97 14.76
C LYS B 120 34.90 -24.59 13.29
N VAL B 121 36.00 -24.39 12.58
CA VAL B 121 35.97 -23.86 11.23
C VAL B 121 35.99 -24.96 10.16
N SER B 122 34.98 -24.97 9.30
CA SER B 122 34.88 -25.97 8.24
C SER B 122 34.78 -25.32 6.86
N LEU B 123 35.53 -25.86 5.90
CA LEU B 123 35.52 -25.35 4.53
C LEU B 123 34.94 -26.36 3.55
N PHE B 124 33.90 -25.94 2.83
CA PHE B 124 33.22 -26.82 1.89
C PHE B 124 33.66 -26.55 0.45
N GLU B 125 33.97 -27.63 -0.28
CA GLU B 125 34.43 -27.52 -1.66
C GLU B 125 33.24 -27.37 -2.62
N PRO B 126 33.44 -26.60 -3.70
CA PRO B 126 32.34 -26.25 -4.62
C PRO B 126 31.73 -27.45 -5.33
N SER B 127 30.46 -27.33 -5.70
CA SER B 127 29.77 -28.40 -6.40
C SER B 127 30.30 -28.55 -7.82
N LYS B 128 30.50 -29.80 -8.24
CA LYS B 128 30.97 -30.08 -9.59
C LYS B 128 29.99 -29.56 -10.64
N ALA B 129 28.71 -29.58 -10.29
CA ALA B 129 27.67 -29.12 -11.20
C ALA B 129 27.74 -27.61 -11.38
N GLU B 130 28.24 -26.92 -10.36
CA GLU B 130 28.38 -25.48 -10.41
C GLU B 130 29.43 -25.09 -11.45
N ILE B 131 30.55 -25.79 -11.43
CA ILE B 131 31.59 -25.58 -12.43
C ILE B 131 31.06 -25.99 -13.79
N ALA B 132 30.28 -27.06 -13.81
CA ALA B 132 29.74 -27.59 -15.06
C ALA B 132 28.68 -26.66 -15.68
N ASN B 133 27.78 -26.15 -14.86
CA ASN B 133 26.65 -25.37 -15.37
C ASN B 133 26.88 -23.86 -15.34
N LYS B 134 27.57 -23.38 -14.31
CA LYS B 134 27.78 -21.94 -14.14
C LYS B 134 29.21 -21.53 -14.48
N GLN B 135 30.07 -22.52 -14.71
CA GLN B 135 31.48 -22.27 -15.07
C GLN B 135 32.21 -21.46 -14.01
N LYS B 136 31.83 -21.67 -12.76
CA LYS B 136 32.47 -20.99 -11.64
C LYS B 136 32.41 -21.84 -10.38
N ALA B 137 33.30 -21.56 -9.43
CA ALA B 137 33.39 -22.34 -8.21
C ALA B 137 33.23 -21.46 -6.96
N THR B 138 32.35 -21.89 -6.06
CA THR B 138 32.10 -21.16 -4.82
C THR B 138 32.59 -21.92 -3.59
N LEU B 139 33.46 -21.29 -2.81
CA LEU B 139 33.91 -21.87 -1.55
C LEU B 139 33.03 -21.39 -0.41
N VAL B 140 32.82 -22.25 0.59
CA VAL B 140 32.00 -21.89 1.74
C VAL B 140 32.68 -22.27 3.06
N CYS B 141 32.85 -21.27 3.92
CA CYS B 141 33.44 -21.48 5.24
C CYS B 141 32.37 -21.45 6.32
N LEU B 142 32.50 -22.31 7.33
CA LEU B 142 31.51 -22.39 8.40
C LEU B 142 32.15 -22.54 9.77
N ALA B 143 31.88 -21.59 10.66
CA ALA B 143 32.39 -21.63 12.02
C ALA B 143 31.27 -21.89 13.03
N ARG B 144 31.47 -22.88 13.89
CA ARG B 144 30.46 -23.24 14.90
C ARG B 144 31.13 -23.53 16.24
N GLY B 145 30.32 -23.66 17.29
CA GLY B 145 30.81 -24.07 18.59
C GLY B 145 31.46 -22.97 19.41
N PHE B 146 31.33 -21.73 18.96
CA PHE B 146 31.85 -20.58 19.70
C PHE B 146 30.73 -19.84 20.40
N PHE B 147 31.05 -19.20 21.53
CA PHE B 147 30.02 -18.55 22.33
C PHE B 147 30.04 -17.01 22.22
N PRO B 148 31.22 -16.37 22.36
CA PRO B 148 31.16 -14.92 22.15
C PRO B 148 31.10 -14.58 20.66
N ASP B 149 30.38 -13.52 20.30
CA ASP B 149 30.32 -13.08 18.92
C ASP B 149 31.53 -12.24 18.57
N HIS B 150 32.70 -12.64 19.07
CA HIS B 150 33.92 -11.87 18.89
C HIS B 150 34.77 -12.44 17.77
N VAL B 151 34.11 -13.11 16.83
CA VAL B 151 34.79 -13.70 15.69
C VAL B 151 34.85 -12.76 14.49
N GLU B 152 35.97 -12.79 13.78
CA GLU B 152 36.14 -11.99 12.57
C GLU B 152 36.60 -12.87 11.41
N LEU B 153 35.73 -13.04 10.42
CA LEU B 153 36.01 -13.91 9.29
C LEU B 153 36.64 -13.16 8.12
N SER B 154 37.73 -13.73 7.60
CA SER B 154 38.41 -13.15 6.44
C SER B 154 38.92 -14.25 5.51
N TRP B 155 38.96 -13.96 4.22
CA TRP B 155 39.43 -14.92 3.23
C TRP B 155 40.84 -14.60 2.75
N TRP B 156 41.65 -15.63 2.58
CA TRP B 156 43.04 -15.45 2.17
C TRP B 156 43.39 -16.34 0.98
N VAL B 157 43.81 -15.71 -0.11
CA VAL B 157 44.23 -16.45 -1.29
C VAL B 157 45.72 -16.27 -1.54
N ASN B 158 46.44 -17.38 -1.46
CA ASN B 158 47.89 -17.40 -1.68
C ASN B 158 48.63 -16.46 -0.72
N GLY B 159 48.09 -16.32 0.49
CA GLY B 159 48.73 -15.53 1.51
C GLY B 159 48.28 -14.08 1.57
N LYS B 160 47.37 -13.71 0.68
CA LYS B 160 46.87 -12.34 0.64
C LYS B 160 45.37 -12.29 0.88
N GLU B 161 44.95 -11.38 1.76
CA GLU B 161 43.54 -11.23 2.08
C GLU B 161 42.79 -10.59 0.92
N VAL B 162 41.73 -11.26 0.47
CA VAL B 162 40.91 -10.74 -0.61
C VAL B 162 39.57 -10.24 -0.10
N HIS B 163 38.97 -9.31 -0.82
CA HIS B 163 37.66 -8.77 -0.44
C HIS B 163 36.65 -8.92 -1.57
N SER B 164 37.16 -8.96 -2.81
CA SER B 164 36.31 -9.17 -3.96
C SER B 164 35.87 -10.64 -4.01
N GLY B 165 34.59 -10.85 -4.27
CA GLY B 165 34.05 -12.21 -4.30
C GLY B 165 33.86 -12.78 -2.91
N VAL B 166 33.90 -11.91 -1.90
CA VAL B 166 33.73 -12.34 -0.51
C VAL B 166 32.41 -11.81 0.06
N CYS B 167 31.62 -12.72 0.65
CA CYS B 167 30.37 -12.34 1.28
C CYS B 167 30.16 -13.08 2.60
N THR B 168 30.29 -12.34 3.71
CA THR B 168 30.16 -12.92 5.04
C THR B 168 28.84 -12.51 5.71
N ASP B 169 28.24 -13.46 6.44
CA ASP B 169 27.03 -13.17 7.20
C ASP B 169 27.29 -12.09 8.24
N PRO B 170 26.38 -11.10 8.32
CA PRO B 170 26.54 -9.94 9.21
C PRO B 170 26.45 -10.30 10.69
N GLN B 171 25.61 -11.28 11.04
CA GLN B 171 25.48 -11.69 12.43
C GLN B 171 25.62 -13.19 12.61
N ALA B 172 26.18 -13.59 13.75
CA ALA B 172 26.30 -15.00 14.11
C ALA B 172 24.93 -15.53 14.50
N TYR B 173 24.69 -16.82 14.21
CA TYR B 173 23.39 -17.41 14.49
C TYR B 173 23.41 -18.18 15.80
N LYS B 174 22.36 -18.01 16.59
CA LYS B 174 22.26 -18.70 17.87
C LYS B 174 21.82 -20.14 17.66
N GLU B 175 22.77 -21.06 17.68
CA GLU B 175 22.47 -22.48 17.47
C GLU B 175 22.07 -23.17 18.77
N SER B 176 22.71 -22.77 19.86
CA SER B 176 22.36 -23.27 21.17
C SER B 176 22.31 -22.13 22.17
N ASN B 177 22.09 -22.44 23.43
CA ASN B 177 22.02 -21.41 24.45
C ASN B 177 23.38 -20.75 24.65
N TYR B 178 24.43 -21.57 24.66
CA TYR B 178 25.78 -21.06 24.83
C TYR B 178 26.66 -21.33 23.60
N SER B 179 26.05 -21.32 22.42
CA SER B 179 26.80 -21.59 21.20
C SER B 179 26.27 -20.82 19.99
N TYR B 180 27.19 -20.28 19.21
CA TYR B 180 26.84 -19.54 17.99
C TYR B 180 27.39 -20.21 16.73
N ALA B 181 26.89 -19.77 15.57
CA ALA B 181 27.34 -20.27 14.28
C ALA B 181 27.41 -19.15 13.25
N LEU B 182 28.48 -19.12 12.48
CA LEU B 182 28.68 -18.08 11.46
C LEU B 182 29.19 -18.67 10.15
N SER B 183 28.70 -18.15 9.02
CA SER B 183 29.11 -18.64 7.71
C SER B 183 29.50 -17.52 6.75
N SER B 184 30.22 -17.89 5.70
CA SER B 184 30.66 -16.96 4.66
C SER B 184 31.01 -17.71 3.38
N ARG B 185 31.10 -17.01 2.26
CA ARG B 185 31.38 -17.65 0.99
C ARG B 185 32.37 -16.88 0.11
N LEU B 186 33.12 -17.62 -0.70
CA LEU B 186 34.05 -17.04 -1.66
C LEU B 186 33.82 -17.65 -3.04
N ARG B 187 33.69 -16.81 -4.06
CA ARG B 187 33.37 -17.28 -5.40
C ARG B 187 34.38 -16.80 -6.45
N VAL B 188 35.07 -17.76 -7.09
CA VAL B 188 36.02 -17.45 -8.15
C VAL B 188 35.69 -18.22 -9.43
N SER B 189 36.35 -17.87 -10.52
CA SER B 189 36.16 -18.55 -11.80
C SER B 189 36.60 -20.01 -11.73
N ALA B 190 36.02 -20.84 -12.58
CA ALA B 190 36.35 -22.27 -12.62
C ALA B 190 37.81 -22.46 -13.03
N THR B 191 38.30 -21.58 -13.90
CA THR B 191 39.69 -21.63 -14.34
C THR B 191 40.66 -21.43 -13.17
N PHE B 192 40.37 -20.43 -12.35
CA PHE B 192 41.22 -20.11 -11.21
C PHE B 192 41.18 -21.22 -10.17
N TRP B 193 40.03 -21.89 -10.06
CA TRP B 193 39.86 -22.99 -9.12
C TRP B 193 40.53 -24.26 -9.66
N HIS B 194 40.61 -24.36 -10.99
CA HIS B 194 41.21 -25.53 -11.61
C HIS B 194 42.73 -25.47 -11.58
N ASN B 195 43.26 -24.34 -11.12
CA ASN B 195 44.70 -24.18 -11.00
C ASN B 195 45.20 -24.63 -9.62
N PRO B 196 45.99 -25.70 -9.60
CA PRO B 196 46.50 -26.31 -8.37
C PRO B 196 47.53 -25.44 -7.64
N ARG B 197 48.01 -24.40 -8.28
CA ARG B 197 48.98 -23.50 -7.66
C ARG B 197 48.29 -22.46 -6.80
N ASN B 198 46.96 -22.42 -6.89
CA ASN B 198 46.15 -21.50 -6.10
C ASN B 198 45.82 -22.06 -4.73
N HIS B 199 46.16 -21.30 -3.69
CA HIS B 199 45.86 -21.70 -2.32
C HIS B 199 44.75 -20.86 -1.70
N PHE B 200 43.72 -21.52 -1.19
CA PHE B 200 42.60 -20.84 -0.56
C PHE B 200 42.58 -21.09 0.94
N ARG B 201 42.33 -20.04 1.71
CA ARG B 201 42.31 -20.16 3.17
C ARG B 201 41.23 -19.28 3.79
N CYS B 202 40.37 -19.90 4.60
CA CYS B 202 39.31 -19.18 5.31
C CYS B 202 39.67 -18.98 6.77
N GLN B 203 40.07 -17.77 7.14
CA GLN B 203 40.49 -17.48 8.51
C GLN B 203 39.38 -16.87 9.35
N VAL B 204 39.24 -17.37 10.58
CA VAL B 204 38.31 -16.81 11.54
C VAL B 204 39.05 -16.38 12.80
N GLN B 205 39.15 -15.07 13.01
CA GLN B 205 39.86 -14.56 14.18
C GLN B 205 38.96 -14.51 15.41
N PHE B 206 39.32 -15.29 16.42
CA PHE B 206 38.56 -15.35 17.67
C PHE B 206 39.25 -14.54 18.75
N HIS B 207 38.50 -13.65 19.38
CA HIS B 207 39.03 -12.86 20.49
C HIS B 207 38.57 -13.43 21.83
N GLY B 208 39.54 -13.89 22.62
CA GLY B 208 39.23 -14.52 23.89
C GLY B 208 39.81 -13.76 25.08
N LEU B 209 40.27 -14.51 26.07
CA LEU B 209 40.73 -13.93 27.33
C LEU B 209 42.15 -13.37 27.25
N SER B 210 42.47 -12.46 28.17
CA SER B 210 43.79 -11.87 28.25
C SER B 210 44.72 -12.74 29.08
N GLU B 211 45.99 -12.34 29.17
CA GLU B 211 46.98 -13.06 29.96
C GLU B 211 46.61 -13.10 31.44
N GLU B 212 45.99 -12.03 31.91
CA GLU B 212 45.59 -11.94 33.31
C GLU B 212 44.19 -12.49 33.55
N ASP B 213 44.06 -13.81 33.48
CA ASP B 213 42.79 -14.47 33.75
C ASP B 213 42.98 -15.82 34.43
N LYS B 214 42.00 -16.22 35.25
CA LYS B 214 42.05 -17.48 35.96
C LYS B 214 41.39 -18.61 35.17
N TRP B 215 42.06 -19.75 35.08
CA TRP B 215 41.57 -20.89 34.32
C TRP B 215 42.15 -22.19 34.85
N PRO B 216 41.37 -23.28 34.81
CA PRO B 216 41.86 -24.61 35.19
C PRO B 216 43.07 -25.05 34.38
N GLU B 217 43.72 -26.14 34.78
CA GLU B 217 44.95 -26.56 34.14
C GLU B 217 44.73 -27.73 33.18
N GLY B 218 43.63 -28.45 33.37
CA GLY B 218 43.32 -29.59 32.53
C GLY B 218 42.59 -29.24 31.25
N SER B 219 42.50 -27.94 30.97
CA SER B 219 41.81 -27.47 29.77
C SER B 219 42.56 -26.31 29.13
N PRO B 220 42.50 -26.22 27.80
CA PRO B 220 43.16 -25.15 27.05
C PRO B 220 42.47 -23.80 27.26
N LYS B 221 43.25 -22.77 27.54
CA LYS B 221 42.71 -21.43 27.75
C LYS B 221 42.31 -20.79 26.42
N PRO B 222 41.01 -20.46 26.28
CA PRO B 222 40.46 -19.85 25.06
C PRO B 222 40.87 -18.38 24.89
N VAL B 223 42.13 -18.15 24.56
CA VAL B 223 42.63 -16.78 24.37
C VAL B 223 42.31 -16.25 22.99
N THR B 224 42.75 -15.03 22.70
CA THR B 224 42.60 -14.46 21.38
C THR B 224 43.44 -15.27 20.40
N GLN B 225 42.80 -15.78 19.36
CA GLN B 225 43.47 -16.68 18.42
C GLN B 225 42.78 -16.74 17.07
N ASN B 226 43.50 -17.28 16.08
CA ASN B 226 42.95 -17.46 14.74
C ASN B 226 42.78 -18.93 14.37
N ILE B 227 41.58 -19.31 13.98
CA ILE B 227 41.29 -20.67 13.53
C ILE B 227 40.87 -20.65 12.07
N SER B 228 41.60 -21.34 11.21
CA SER B 228 41.36 -21.27 9.78
C SER B 228 41.23 -22.64 9.10
N ALA B 229 40.64 -22.63 7.91
CA ALA B 229 40.52 -23.82 7.09
C ALA B 229 41.01 -23.53 5.68
N GLU B 230 41.81 -24.45 5.13
CA GLU B 230 42.45 -24.20 3.84
C GLU B 230 42.08 -25.23 2.78
N ALA B 231 42.43 -24.92 1.53
CA ALA B 231 42.19 -25.81 0.39
C ALA B 231 43.07 -25.42 -0.79
N TRP B 232 43.13 -26.29 -1.80
CA TRP B 232 43.94 -26.04 -2.98
C TRP B 232 43.14 -26.24 -4.28
N GLY B 233 43.68 -25.73 -5.37
CA GLY B 233 43.04 -25.86 -6.67
C GLY B 233 42.98 -27.30 -7.14
N ARG B 234 41.82 -27.73 -7.60
CA ARG B 234 41.62 -29.11 -8.01
C ARG B 234 41.19 -29.24 -9.47
N ALA B 235 41.36 -30.43 -10.02
CA ALA B 235 40.97 -30.75 -11.41
C ALA B 235 41.57 -29.77 -12.42
N GLN C 1 -10.32 0.49 -15.59
CA GLN C 1 -9.34 0.56 -14.51
C GLN C 1 -8.05 -0.16 -14.89
N GLN C 2 -7.83 -0.32 -16.19
CA GLN C 2 -6.65 -1.03 -16.69
C GLN C 2 -5.36 -0.31 -16.28
N VAL C 3 -5.43 1.01 -16.22
CA VAL C 3 -4.29 1.81 -15.76
C VAL C 3 -4.71 2.70 -14.60
N ARG C 4 -4.16 2.44 -13.42
CA ARG C 4 -4.58 3.17 -12.23
C ARG C 4 -3.48 4.08 -11.69
N GLN C 5 -3.71 5.40 -11.76
CA GLN C 5 -2.79 6.38 -11.22
C GLN C 5 -3.15 6.75 -9.79
N SER C 6 -2.15 7.14 -9.01
CA SER C 6 -2.36 7.54 -7.62
C SER C 6 -1.26 8.50 -7.18
N PRO C 7 -1.63 9.50 -6.36
CA PRO C 7 -2.98 9.74 -5.86
C PRO C 7 -3.87 10.46 -6.87
N GLN C 8 -5.12 10.69 -6.48
CA GLN C 8 -6.07 11.39 -7.35
C GLN C 8 -5.71 12.86 -7.43
N SER C 9 -5.09 13.37 -6.37
CA SER C 9 -4.69 14.77 -6.31
C SER C 9 -3.45 14.94 -5.44
N LEU C 10 -2.48 15.71 -5.94
CA LEU C 10 -1.23 15.89 -5.22
C LEU C 10 -0.87 17.36 -5.04
N THR C 11 -0.52 17.73 -3.81
CA THR C 11 -0.10 19.08 -3.51
C THR C 11 1.22 19.07 -2.73
N VAL C 12 2.23 19.71 -3.30
CA VAL C 12 3.54 19.78 -2.67
C VAL C 12 4.05 21.22 -2.59
N TRP C 13 5.12 21.41 -1.82
CA TRP C 13 5.79 22.70 -1.78
C TRP C 13 6.84 22.76 -2.87
N GLU C 14 7.22 23.97 -3.27
CA GLU C 14 8.22 24.15 -4.31
C GLU C 14 9.59 23.66 -3.83
N GLY C 15 10.37 23.11 -4.74
CA GLY C 15 11.66 22.55 -4.41
C GLY C 15 11.59 21.07 -4.09
N GLU C 16 10.45 20.64 -3.58
CA GLU C 16 10.23 19.24 -3.24
C GLU C 16 10.14 18.37 -4.48
N THR C 17 10.28 17.06 -4.30
CA THR C 17 10.17 16.12 -5.41
C THR C 17 8.77 15.54 -5.49
N ALA C 18 8.10 15.75 -6.63
CA ALA C 18 6.77 15.22 -6.84
C ALA C 18 6.82 13.77 -7.32
N ILE C 19 6.03 12.92 -6.67
CA ILE C 19 6.01 11.50 -7.00
C ILE C 19 4.62 11.06 -7.46
N LEU C 20 4.51 10.68 -8.73
CA LEU C 20 3.23 10.24 -9.27
C LEU C 20 3.28 8.75 -9.56
N ASN C 21 2.44 8.00 -8.86
CA ASN C 21 2.45 6.54 -8.97
C ASN C 21 1.43 6.02 -9.96
N CYS C 22 1.68 4.82 -10.47
CA CYS C 22 0.79 4.19 -11.43
C CYS C 22 0.98 2.67 -11.45
N SER C 23 -0.11 1.95 -11.63
CA SER C 23 -0.06 0.49 -11.64
C SER C 23 -0.97 -0.10 -12.72
N TYR C 24 -0.62 -1.30 -13.17
CA TYR C 24 -1.41 -2.00 -14.19
C TYR C 24 -1.50 -3.49 -13.88
N GLU C 25 -2.39 -4.19 -14.58
CA GLU C 25 -2.59 -5.61 -14.36
C GLU C 25 -2.24 -6.42 -15.61
N ASN C 26 -2.35 -5.78 -16.77
CA ASN C 26 -2.09 -6.47 -18.03
C ASN C 26 -0.61 -6.44 -18.38
N SER C 27 -0.02 -7.61 -18.53
CA SER C 27 1.41 -7.74 -18.79
C SER C 27 1.77 -7.37 -20.23
N ALA C 28 0.76 -7.06 -21.04
CA ALA C 28 0.98 -6.72 -22.43
C ALA C 28 1.66 -5.36 -22.61
N PHE C 29 1.46 -4.46 -21.65
CA PHE C 29 1.99 -3.10 -21.74
C PHE C 29 3.51 -3.06 -21.78
N ASP C 30 4.06 -2.35 -22.75
CA ASP C 30 5.51 -2.29 -22.95
C ASP C 30 5.97 -0.85 -23.21
N TYR C 31 5.00 0.05 -23.36
CA TYR C 31 5.32 1.45 -23.63
C TYR C 31 4.48 2.35 -22.73
N PHE C 32 5.16 3.22 -21.99
CA PHE C 32 4.47 4.06 -21.01
C PHE C 32 4.83 5.54 -21.16
N PRO C 33 4.03 6.25 -21.96
CA PRO C 33 4.22 7.70 -22.13
C PRO C 33 3.51 8.48 -21.04
N TRP C 34 4.09 9.60 -20.63
CA TRP C 34 3.45 10.50 -19.69
C TRP C 34 3.10 11.81 -20.38
N TYR C 35 1.83 12.19 -20.31
CA TYR C 35 1.37 13.41 -20.96
C TYR C 35 1.03 14.50 -19.95
N GLN C 36 1.54 15.69 -20.20
CA GLN C 36 1.30 16.85 -19.35
C GLN C 36 0.27 17.78 -19.97
N GLN C 37 -0.77 18.12 -19.19
CA GLN C 37 -1.82 19.00 -19.69
C GLN C 37 -2.03 20.20 -18.78
N PHE C 38 -1.69 21.37 -19.29
CA PHE C 38 -1.96 22.62 -18.58
C PHE C 38 -3.41 23.03 -18.82
N PRO C 39 -4.02 23.68 -17.82
CA PRO C 39 -5.42 24.14 -17.91
C PRO C 39 -5.70 24.98 -19.16
N GLY C 40 -6.77 24.63 -19.86
CA GLY C 40 -7.16 25.36 -21.06
C GLY C 40 -6.34 24.98 -22.27
N GLU C 41 -5.48 23.98 -22.11
CA GLU C 41 -4.62 23.53 -23.19
C GLU C 41 -4.77 22.03 -23.42
N GLY C 42 -4.26 21.55 -24.54
CA GLY C 42 -4.30 20.14 -24.86
C GLY C 42 -3.11 19.40 -24.27
N PRO C 43 -3.25 18.08 -24.11
CA PRO C 43 -2.18 17.23 -23.58
C PRO C 43 -0.97 17.17 -24.52
N ALA C 44 0.22 17.15 -23.93
CA ALA C 44 1.45 17.04 -24.70
C ALA C 44 2.36 16.01 -24.08
N LEU C 45 3.01 15.20 -24.92
CA LEU C 45 3.90 14.16 -24.44
C LEU C 45 5.07 14.76 -23.67
N LEU C 46 5.25 14.30 -22.44
CA LEU C 46 6.31 14.80 -21.59
C LEU C 46 7.52 13.88 -21.56
N ILE C 47 7.29 12.61 -21.25
CA ILE C 47 8.37 11.64 -21.15
C ILE C 47 7.82 10.21 -21.18
N SER C 48 8.56 9.30 -21.82
CA SER C 48 8.12 7.92 -21.97
C SER C 48 9.24 6.93 -21.64
N ILE C 49 8.84 5.72 -21.27
CA ILE C 49 9.80 4.65 -20.97
C ILE C 49 9.25 3.31 -21.45
N LEU C 50 10.14 2.37 -21.72
CA LEU C 50 9.74 1.03 -22.11
C LEU C 50 9.94 0.04 -20.96
N SER C 51 9.15 -1.03 -20.95
CA SER C 51 9.19 -2.00 -19.86
C SER C 51 10.51 -2.76 -19.79
N VAL C 52 11.25 -2.79 -20.89
CA VAL C 52 12.56 -3.43 -20.90
C VAL C 52 13.58 -2.56 -20.17
N SER C 53 13.24 -1.29 -20.00
CA SER C 53 14.10 -0.35 -19.30
C SER C 53 13.72 -0.28 -17.82
N ASN C 54 14.61 0.31 -17.02
CA ASN C 54 14.39 0.43 -15.59
C ASN C 54 14.28 1.88 -15.14
N LYS C 55 14.79 2.80 -15.94
CA LYS C 55 14.82 4.21 -15.59
C LYS C 55 14.94 5.12 -16.80
N LYS C 56 14.13 6.17 -16.83
CA LYS C 56 14.21 7.19 -17.87
C LYS C 56 14.32 8.58 -17.25
N GLU C 57 15.34 9.32 -17.65
CA GLU C 57 15.60 10.64 -17.07
C GLU C 57 15.75 11.72 -18.13
N ASP C 58 15.09 12.85 -17.92
CA ASP C 58 15.20 13.99 -18.82
C ASP C 58 15.13 15.27 -18.00
N GLY C 59 16.31 15.77 -17.61
CA GLY C 59 16.38 16.96 -16.79
C GLY C 59 15.88 16.70 -15.38
N ARG C 60 14.89 17.47 -14.96
CA ARG C 60 14.34 17.35 -13.61
C ARG C 60 13.31 16.23 -13.49
N PHE C 61 12.97 15.61 -14.62
CA PHE C 61 11.94 14.59 -14.64
C PHE C 61 12.54 13.19 -14.76
N THR C 62 12.03 12.25 -13.98
CA THR C 62 12.56 10.90 -13.96
C THR C 62 11.48 9.84 -13.77
N ILE C 63 11.54 8.78 -14.58
CA ILE C 63 10.61 7.67 -14.47
C ILE C 63 11.27 6.43 -13.85
N PHE C 64 10.67 5.90 -12.80
CA PHE C 64 11.13 4.65 -12.18
C PHE C 64 10.17 3.52 -12.52
N PHE C 65 10.71 2.36 -12.89
CA PHE C 65 9.88 1.27 -13.38
C PHE C 65 10.10 -0.06 -12.65
N ASN C 66 9.00 -0.72 -12.27
CA ASN C 66 9.04 -2.04 -11.66
C ASN C 66 8.19 -3.03 -12.43
N LYS C 67 8.84 -3.87 -13.23
CA LYS C 67 8.14 -4.80 -14.10
C LYS C 67 7.48 -5.94 -13.32
N ARG C 68 8.18 -6.46 -12.32
CA ARG C 68 7.67 -7.56 -11.50
C ARG C 68 6.40 -7.15 -10.74
N GLU C 69 6.41 -5.94 -10.19
CA GLU C 69 5.27 -5.44 -9.43
C GLU C 69 4.23 -4.80 -10.34
N LYS C 70 4.59 -4.65 -11.61
CA LYS C 70 3.75 -3.98 -12.60
C LYS C 70 3.39 -2.57 -12.13
N LYS C 71 4.37 -1.89 -11.54
CA LYS C 71 4.19 -0.53 -11.06
C LYS C 71 5.28 0.38 -11.59
N LEU C 72 4.98 1.68 -11.67
CA LEU C 72 5.97 2.68 -12.06
C LEU C 72 5.72 3.98 -11.32
N SER C 73 6.68 4.91 -11.41
CA SER C 73 6.58 6.17 -10.69
C SER C 73 7.30 7.30 -11.42
N LEU C 74 6.68 8.49 -11.42
CA LEU C 74 7.26 9.65 -12.06
C LEU C 74 7.74 10.67 -11.03
N HIS C 75 9.02 11.02 -11.10
CA HIS C 75 9.62 11.94 -10.14
C HIS C 75 10.01 13.27 -10.78
N ILE C 76 9.48 14.36 -10.24
CA ILE C 76 9.83 15.70 -10.69
C ILE C 76 10.73 16.38 -9.65
N ALA C 77 12.04 16.29 -9.88
CA ALA C 77 13.01 16.86 -8.95
C ALA C 77 13.02 18.38 -9.00
N ASP C 78 13.18 18.99 -7.83
CA ASP C 78 13.21 20.45 -7.70
C ASP C 78 12.01 21.09 -8.39
N SER C 79 10.82 20.63 -8.01
CA SER C 79 9.57 21.08 -8.64
C SER C 79 9.34 22.58 -8.50
N GLN C 80 8.82 23.18 -9.56
CA GLN C 80 8.54 24.60 -9.60
C GLN C 80 7.04 24.82 -9.76
N PRO C 81 6.52 25.97 -9.30
CA PRO C 81 5.10 26.26 -9.48
C PRO C 81 4.66 26.30 -10.95
N GLY C 82 5.61 26.56 -11.83
CA GLY C 82 5.32 26.66 -13.26
C GLY C 82 4.90 25.34 -13.89
N ASP C 83 5.39 24.23 -13.34
CA ASP C 83 5.08 22.92 -13.90
C ASP C 83 3.88 22.27 -13.24
N SER C 84 3.15 23.03 -12.43
CA SER C 84 1.95 22.53 -11.77
C SER C 84 0.82 22.33 -12.77
N ALA C 85 0.43 21.08 -12.97
CA ALA C 85 -0.64 20.74 -13.90
C ALA C 85 -1.18 19.33 -13.64
N THR C 86 -2.02 18.84 -14.53
CA THR C 86 -2.52 17.48 -14.44
C THR C 86 -1.70 16.54 -15.31
N TYR C 87 -1.26 15.42 -14.74
CA TYR C 87 -0.37 14.50 -15.45
C TYR C 87 -1.04 13.17 -15.73
N PHE C 88 -1.02 12.76 -16.99
CA PHE C 88 -1.65 11.51 -17.41
C PHE C 88 -0.61 10.47 -17.79
N CYS C 89 -0.83 9.23 -17.36
CA CYS C 89 0.02 8.13 -17.76
C CYS C 89 -0.74 7.19 -18.70
N ALA C 90 -0.12 6.87 -19.83
CA ALA C 90 -0.75 5.99 -20.80
C ALA C 90 0.03 4.70 -20.95
N ALA C 91 -0.53 3.73 -21.68
CA ALA C 91 0.13 2.45 -21.86
C ALA C 91 -0.18 1.83 -23.22
N SER C 92 0.85 1.32 -23.86
CA SER C 92 0.73 0.63 -25.14
C SER C 92 1.29 -0.78 -24.97
N ALA C 93 1.26 -1.56 -26.04
CA ALA C 93 1.98 -2.83 -26.09
C ALA C 93 3.14 -2.81 -27.08
N SER C 94 2.83 -3.10 -28.35
CA SER C 94 3.84 -3.24 -29.39
C SER C 94 4.60 -1.96 -29.71
N PHE C 95 4.01 -0.81 -29.37
CA PHE C 95 4.56 0.51 -29.71
C PHE C 95 4.62 0.70 -31.23
N GLY C 96 4.05 -0.23 -31.97
CA GLY C 96 3.91 -0.10 -33.41
C GLY C 96 2.67 0.72 -33.70
N ASP C 97 2.22 0.71 -34.95
CA ASP C 97 1.02 1.44 -35.32
C ASP C 97 -0.19 0.87 -34.57
N ASN C 98 -1.31 1.59 -34.65
CA ASN C 98 -2.52 1.32 -33.85
C ASN C 98 -2.18 0.88 -32.43
N SER C 99 -1.26 1.60 -31.80
CA SER C 99 -0.75 1.27 -30.48
C SER C 99 -1.84 1.13 -29.44
N LYS C 100 -2.94 1.85 -29.63
CA LYS C 100 -4.09 1.84 -28.72
C LYS C 100 -3.67 2.15 -27.29
N LEU C 101 -3.42 3.43 -27.03
CA LEU C 101 -2.97 3.86 -25.72
C LEU C 101 -4.07 3.76 -24.67
N ILE C 102 -3.78 3.08 -23.58
CA ILE C 102 -4.70 2.98 -22.46
C ILE C 102 -4.36 4.07 -21.43
N TRP C 103 -5.30 4.98 -21.19
CA TRP C 103 -5.05 6.14 -20.35
C TRP C 103 -5.40 5.95 -18.88
N GLY C 104 -4.55 6.49 -18.01
CA GLY C 104 -4.86 6.58 -16.59
C GLY C 104 -5.75 7.78 -16.36
N LEU C 105 -6.39 7.84 -15.19
CA LEU C 105 -7.32 8.93 -14.90
C LEU C 105 -6.60 10.22 -14.49
N GLY C 106 -5.28 10.16 -14.42
CA GLY C 106 -4.49 11.36 -14.18
C GLY C 106 -4.38 11.78 -12.72
N THR C 107 -3.34 12.55 -12.41
CA THR C 107 -3.15 13.10 -11.08
C THR C 107 -2.92 14.60 -11.13
N SER C 108 -3.79 15.35 -10.44
CA SER C 108 -3.67 16.80 -10.41
C SER C 108 -2.55 17.21 -9.45
N LEU C 109 -1.59 17.97 -9.97
CA LEU C 109 -0.45 18.40 -9.17
C LEU C 109 -0.49 19.90 -8.89
N VAL C 110 -0.29 20.25 -7.63
CA VAL C 110 -0.20 21.65 -7.23
C VAL C 110 1.09 21.89 -6.46
N VAL C 111 1.95 22.73 -7.02
CA VAL C 111 3.22 23.05 -6.38
C VAL C 111 3.19 24.42 -5.73
N ASN C 112 3.06 24.43 -4.41
CA ASN C 112 2.98 25.68 -3.66
C ASN C 112 4.32 26.37 -3.48
N PRO C 113 4.36 27.70 -3.64
CA PRO C 113 5.57 28.48 -3.48
C PRO C 113 5.87 28.81 -2.02
N ASN C 114 7.15 28.79 -1.64
CA ASN C 114 7.56 29.16 -0.30
C ASN C 114 7.56 30.67 -0.11
N ILE C 115 6.56 31.18 0.59
CA ILE C 115 6.48 32.62 0.86
C ILE C 115 6.99 32.94 2.26
N GLN C 116 8.06 33.73 2.30
CA GLN C 116 8.65 34.15 3.57
C GLN C 116 7.96 35.39 4.11
N ASN C 117 7.68 35.37 5.41
CA ASN C 117 6.97 36.45 6.09
C ASN C 117 5.65 36.83 5.43
N PRO C 118 4.63 35.96 5.57
CA PRO C 118 3.31 36.30 5.03
C PRO C 118 2.62 37.34 5.90
N GLU C 119 1.92 38.27 5.27
CA GLU C 119 1.21 39.30 6.01
C GLU C 119 -0.27 39.32 5.62
N PRO C 120 -1.03 38.32 6.10
CA PRO C 120 -2.43 38.12 5.74
C PRO C 120 -3.33 39.28 6.20
N ALA C 121 -3.99 39.91 5.24
CA ALA C 121 -4.91 41.00 5.52
C ALA C 121 -6.10 40.95 4.59
N VAL C 122 -7.25 41.36 5.09
CA VAL C 122 -8.47 41.38 4.29
C VAL C 122 -8.83 42.82 3.91
N TYR C 123 -9.04 43.04 2.61
CA TYR C 123 -9.37 44.36 2.11
C TYR C 123 -10.70 44.35 1.38
N GLN C 124 -11.48 45.41 1.53
CA GLN C 124 -12.75 45.52 0.83
C GLN C 124 -12.65 46.52 -0.33
N LEU C 125 -13.07 46.07 -1.51
CA LEU C 125 -12.99 46.89 -2.71
C LEU C 125 -14.39 47.31 -3.16
N LYS C 126 -14.45 48.27 -4.06
CA LYS C 126 -15.73 48.85 -4.49
C LYS C 126 -15.79 49.10 -5.99
N ASP C 127 -16.95 48.82 -6.58
CA ASP C 127 -17.19 49.07 -7.99
C ASP C 127 -17.91 50.40 -8.17
N PRO C 128 -17.20 51.42 -8.67
CA PRO C 128 -17.75 52.78 -8.82
C PRO C 128 -18.93 52.84 -9.78
N ARG C 129 -18.90 52.01 -10.82
CA ARG C 129 -19.93 52.04 -11.86
C ARG C 129 -21.29 51.62 -11.32
N SER C 130 -21.29 50.83 -10.25
CA SER C 130 -22.52 50.39 -9.63
C SER C 130 -22.38 50.43 -8.11
N GLN C 131 -23.08 51.36 -7.48
CA GLN C 131 -22.98 51.57 -6.05
C GLN C 131 -23.42 50.34 -5.26
N ASP C 132 -23.26 50.40 -3.94
CA ASP C 132 -23.60 49.33 -3.00
C ASP C 132 -23.21 47.95 -3.52
N SER C 133 -22.01 47.84 -4.07
CA SER C 133 -21.49 46.57 -4.54
C SER C 133 -20.23 46.21 -3.76
N THR C 134 -20.38 45.28 -2.82
CA THR C 134 -19.31 44.93 -1.91
C THR C 134 -18.44 43.79 -2.45
N LEU C 135 -17.14 43.95 -2.32
CA LEU C 135 -16.19 42.90 -2.71
C LEU C 135 -15.16 42.67 -1.61
N CYS C 136 -14.87 41.41 -1.33
CA CYS C 136 -13.91 41.06 -0.29
C CYS C 136 -12.66 40.42 -0.88
N LEU C 137 -11.50 40.77 -0.33
CA LEU C 137 -10.24 40.25 -0.83
C LEU C 137 -9.34 39.72 0.28
N PHE C 138 -8.97 38.45 0.19
CA PHE C 138 -8.01 37.85 1.10
C PHE C 138 -6.70 37.65 0.36
N THR C 139 -5.62 38.24 0.87
CA THR C 139 -4.35 38.17 0.16
C THR C 139 -3.16 38.10 1.13
N ASP C 140 -2.00 37.75 0.56
CA ASP C 140 -0.75 37.65 1.30
C ASP C 140 -0.83 36.68 2.46
N PHE C 141 -1.75 35.73 2.37
CA PHE C 141 -1.85 34.67 3.37
C PHE C 141 -0.97 33.50 2.97
N ASP C 142 -0.72 32.59 3.91
CA ASP C 142 0.18 31.48 3.65
C ASP C 142 -0.48 30.39 2.80
N SER C 143 0.34 29.60 2.13
CA SER C 143 -0.16 28.65 1.14
C SER C 143 -0.83 27.41 1.74
N GLN C 144 -0.51 27.09 2.99
CA GLN C 144 -1.09 25.90 3.61
C GLN C 144 -2.44 26.25 4.21
N ILE C 145 -2.73 27.55 4.29
CA ILE C 145 -4.02 28.00 4.79
C ILE C 145 -5.12 27.59 3.82
N ASN C 146 -6.09 26.84 4.34
CA ASN C 146 -7.21 26.38 3.53
C ASN C 146 -8.31 27.43 3.44
N VAL C 147 -8.53 27.93 2.23
CA VAL C 147 -9.57 28.94 1.99
C VAL C 147 -10.96 28.33 2.23
N PRO C 148 -11.68 28.88 3.21
CA PRO C 148 -13.00 28.37 3.59
C PRO C 148 -14.04 28.47 2.48
N LYS C 149 -14.81 27.42 2.28
CA LYS C 149 -15.91 27.43 1.33
C LYS C 149 -17.23 27.48 2.09
N THR C 150 -18.19 28.24 1.58
CA THR C 150 -19.46 28.38 2.26
C THR C 150 -20.61 28.55 1.27
N MET C 151 -21.70 27.82 1.50
CA MET C 151 -22.89 27.92 0.67
C MET C 151 -24.00 28.66 1.42
N GLU C 152 -24.06 29.97 1.22
CA GLU C 152 -25.08 30.79 1.87
C GLU C 152 -26.20 31.13 0.89
N SER C 153 -26.17 30.51 -0.29
CA SER C 153 -27.13 30.76 -1.34
C SER C 153 -27.22 32.25 -1.67
N GLY C 154 -26.18 32.76 -2.30
CA GLY C 154 -26.08 34.17 -2.63
C GLY C 154 -24.71 34.72 -2.33
N THR C 155 -23.92 33.94 -1.58
CA THR C 155 -22.54 34.32 -1.26
C THR C 155 -21.59 33.34 -1.93
N PHE C 156 -20.54 33.86 -2.56
CA PHE C 156 -19.63 33.00 -3.31
C PHE C 156 -18.16 33.31 -3.02
N ILE C 157 -17.36 32.26 -2.86
CA ILE C 157 -15.95 32.40 -2.61
C ILE C 157 -15.13 31.62 -3.63
N THR C 158 -14.14 32.28 -4.21
CA THR C 158 -13.27 31.64 -5.20
C THR C 158 -12.15 30.86 -4.54
N ASP C 159 -11.56 29.94 -5.29
CA ASP C 159 -10.40 29.20 -4.81
C ASP C 159 -9.19 30.12 -4.76
N LYS C 160 -8.17 29.74 -4.01
CA LYS C 160 -6.95 30.53 -3.94
C LYS C 160 -6.26 30.62 -5.29
N CYS C 161 -5.58 31.74 -5.53
CA CYS C 161 -4.92 31.98 -6.81
C CYS C 161 -3.58 32.66 -6.62
N VAL C 162 -2.51 31.95 -6.95
CA VAL C 162 -1.15 32.47 -6.79
C VAL C 162 -0.80 33.52 -7.83
N LEU C 163 -0.29 34.65 -7.37
CA LEU C 163 0.07 35.74 -8.27
C LEU C 163 1.58 35.87 -8.35
N ASP C 164 2.08 36.30 -9.51
CA ASP C 164 3.51 36.47 -9.69
C ASP C 164 3.85 37.81 -10.33
N MET C 165 4.48 38.68 -9.56
CA MET C 165 4.99 39.94 -10.08
C MET C 165 6.45 39.77 -10.46
N LYS C 166 6.84 40.36 -11.59
CA LYS C 166 8.20 40.22 -12.10
C LYS C 166 9.19 41.02 -11.26
N ALA C 167 8.66 41.96 -10.48
CA ALA C 167 9.52 42.78 -9.62
C ALA C 167 9.88 42.00 -8.37
N MET C 168 11.16 42.13 -7.99
CA MET C 168 11.78 41.41 -6.86
C MET C 168 11.60 39.91 -6.70
N ASP C 169 11.31 39.48 -5.48
CA ASP C 169 10.82 38.15 -5.16
C ASP C 169 9.47 38.21 -4.46
N SER C 170 8.41 38.46 -5.21
CA SER C 170 7.10 38.56 -4.57
C SER C 170 5.98 37.87 -5.33
N LYS C 171 5.60 36.71 -4.81
CA LYS C 171 4.43 35.99 -5.27
C LYS C 171 3.39 36.07 -4.17
N SER C 172 2.11 36.09 -4.53
CA SER C 172 1.07 36.25 -3.51
C SER C 172 -0.13 35.35 -3.75
N ASN C 173 -0.78 34.94 -2.65
CA ASN C 173 -2.00 34.17 -2.75
C ASN C 173 -3.21 35.09 -2.67
N GLY C 174 -4.34 34.67 -3.23
CA GLY C 174 -5.52 35.50 -3.26
C GLY C 174 -6.84 34.77 -3.32
N ALA C 175 -7.85 35.34 -2.66
CA ALA C 175 -9.21 34.79 -2.67
C ALA C 175 -10.23 35.91 -2.79
N ILE C 176 -11.34 35.62 -3.46
CA ILE C 176 -12.35 36.64 -3.74
C ILE C 176 -13.72 36.25 -3.19
N ALA C 177 -14.38 37.20 -2.53
CA ALA C 177 -15.73 36.98 -2.01
C ALA C 177 -16.68 38.12 -2.37
N TRP C 178 -17.91 37.77 -2.71
CA TRP C 178 -18.93 38.76 -3.07
C TRP C 178 -20.34 38.24 -2.77
N SER C 179 -21.32 39.15 -2.77
CA SER C 179 -22.71 38.76 -2.52
C SER C 179 -23.69 39.66 -3.25
N ASN C 180 -24.87 39.11 -3.57
CA ASN C 180 -25.92 39.87 -4.23
C ASN C 180 -26.64 40.79 -3.25
N GLN C 181 -26.30 40.65 -1.98
CA GLN C 181 -26.90 41.47 -0.93
C GLN C 181 -26.23 42.84 -0.87
N THR C 182 -27.05 43.87 -0.64
CA THR C 182 -26.57 45.24 -0.65
C THR C 182 -25.56 45.53 0.46
N SER C 183 -25.84 45.05 1.66
CA SER C 183 -25.01 45.38 2.82
C SER C 183 -24.43 44.14 3.51
N PHE C 184 -23.10 44.01 3.43
CA PHE C 184 -22.38 42.95 4.14
C PHE C 184 -20.88 43.25 4.16
N THR C 185 -20.29 43.14 5.34
CA THR C 185 -18.87 43.47 5.53
C THR C 185 -17.97 42.25 5.33
N CYS C 186 -16.70 42.51 5.06
CA CYS C 186 -15.72 41.46 4.84
C CYS C 186 -15.11 40.99 6.16
N GLN C 187 -15.36 41.76 7.22
CA GLN C 187 -14.77 41.50 8.53
C GLN C 187 -15.11 40.11 9.07
N ASP C 188 -16.37 39.73 8.94
CA ASP C 188 -16.82 38.44 9.45
C ASP C 188 -16.99 37.44 8.30
N ILE C 189 -16.17 36.39 8.32
CA ILE C 189 -16.21 35.36 7.29
C ILE C 189 -15.67 34.03 7.81
N VAL D 3 0.68 19.75 -36.76
CA VAL D 3 -0.16 20.69 -36.03
C VAL D 3 -1.63 20.55 -36.43
N THR D 4 -2.49 20.37 -35.43
CA THR D 4 -3.93 20.23 -35.65
C THR D 4 -4.70 21.46 -35.17
N GLN D 5 -5.72 21.86 -35.93
CA GLN D 5 -6.52 23.02 -35.59
C GLN D 5 -8.02 22.72 -35.63
N MET D 6 -8.81 23.54 -34.93
CA MET D 6 -10.26 23.36 -34.86
C MET D 6 -10.96 24.57 -34.20
N PRO D 7 -12.26 24.78 -34.49
CA PRO D 7 -13.04 25.84 -33.84
C PRO D 7 -13.03 25.70 -32.32
N ARG D 8 -12.84 26.83 -31.62
CA ARG D 8 -12.54 26.80 -30.20
C ARG D 8 -13.75 26.62 -29.28
N TYR D 9 -14.76 27.46 -29.43
CA TYR D 9 -15.94 27.39 -28.57
C TYR D 9 -17.21 27.17 -29.37
N LEU D 10 -18.16 26.45 -28.79
CA LEU D 10 -19.43 26.17 -29.47
C LEU D 10 -20.56 25.92 -28.49
N ILE D 11 -21.71 26.53 -28.76
CA ILE D 11 -22.91 26.33 -27.95
C ILE D 11 -24.05 25.79 -28.79
N LYS D 12 -24.59 24.65 -28.38
CA LYS D 12 -25.73 24.07 -29.08
C LYS D 12 -26.82 23.69 -28.08
N ARG D 13 -28.05 23.76 -28.53
CA ARG D 13 -29.20 23.38 -27.71
C ARG D 13 -29.32 21.86 -27.73
N MET D 14 -29.91 21.29 -26.68
CA MET D 14 -30.12 19.85 -26.68
C MET D 14 -31.21 19.49 -27.68
N GLY D 15 -30.98 18.42 -28.43
CA GLY D 15 -31.97 17.94 -29.38
C GLY D 15 -31.58 17.99 -30.84
N GLU D 16 -30.72 18.94 -31.21
CA GLU D 16 -30.35 19.07 -32.62
C GLU D 16 -28.94 18.54 -32.91
N ASN D 17 -28.62 18.47 -34.19
CA ASN D 17 -27.35 17.91 -34.66
C ASN D 17 -26.16 18.81 -34.36
N VAL D 18 -24.99 18.19 -34.15
CA VAL D 18 -23.76 18.92 -33.88
C VAL D 18 -22.62 18.37 -34.74
N LEU D 19 -21.77 19.27 -35.24
CA LEU D 19 -20.62 18.86 -36.06
C LEU D 19 -19.31 19.48 -35.58
N LEU D 20 -18.32 18.63 -35.36
CA LEU D 20 -16.97 19.09 -35.01
C LEU D 20 -15.98 18.67 -36.08
N GLU D 21 -15.10 19.59 -36.48
CA GLU D 21 -14.15 19.31 -37.53
C GLU D 21 -12.71 19.45 -37.03
N CYS D 22 -11.81 18.72 -37.68
CA CYS D 22 -10.39 18.74 -37.31
C CYS D 22 -9.53 18.54 -38.55
N GLY D 23 -8.37 19.17 -38.57
CA GLY D 23 -7.48 19.08 -39.72
C GLY D 23 -6.01 19.05 -39.34
N GLN D 24 -5.19 18.50 -40.23
CA GLN D 24 -3.76 18.40 -40.00
C GLN D 24 -2.98 18.48 -41.31
N ASP D 25 -1.72 18.90 -41.23
CA ASP D 25 -0.91 19.15 -42.42
C ASP D 25 0.31 18.24 -42.53
N MET D 26 0.26 17.08 -41.87
CA MET D 26 1.39 16.16 -41.88
C MET D 26 1.09 14.87 -42.62
N SER D 27 -0.14 14.75 -43.15
CA SER D 27 -0.55 13.62 -43.98
C SER D 27 -0.29 12.26 -43.35
N HIS D 28 -0.50 12.16 -42.03
CA HIS D 28 -0.34 10.89 -41.33
C HIS D 28 -1.56 10.01 -41.53
N GLU D 29 -1.60 8.88 -40.83
CA GLU D 29 -2.68 7.92 -41.03
C GLU D 29 -3.71 7.93 -39.91
N THR D 30 -3.25 7.73 -38.67
CA THR D 30 -4.17 7.49 -37.55
C THR D 30 -4.60 8.76 -36.85
N MET D 31 -5.91 8.92 -36.68
CA MET D 31 -6.47 10.05 -35.95
C MET D 31 -7.42 9.57 -34.86
N TYR D 32 -7.66 10.41 -33.86
CA TYR D 32 -8.53 10.05 -32.75
C TYR D 32 -9.44 11.20 -32.36
N TRP D 33 -10.52 10.88 -31.64
CA TRP D 33 -11.40 11.88 -31.05
C TRP D 33 -11.59 11.61 -29.56
N TYR D 34 -11.20 12.58 -28.74
CA TYR D 34 -11.34 12.45 -27.29
C TYR D 34 -12.28 13.50 -26.71
N ARG D 35 -12.94 13.17 -25.61
CA ARG D 35 -13.68 14.16 -24.85
C ARG D 35 -13.15 14.18 -23.41
N GLN D 36 -13.19 15.35 -22.79
CA GLN D 36 -12.74 15.48 -21.41
C GLN D 36 -13.61 16.44 -20.62
N ASP D 37 -14.21 15.92 -19.54
CA ASP D 37 -14.94 16.78 -18.61
C ASP D 37 -13.95 17.71 -17.95
N PRO D 38 -14.35 18.96 -17.69
CA PRO D 38 -13.43 20.01 -17.21
C PRO D 38 -12.71 19.64 -15.91
N GLY D 39 -13.31 18.76 -15.11
CA GLY D 39 -12.72 18.39 -13.84
C GLY D 39 -11.87 17.14 -13.89
N LEU D 40 -12.20 16.21 -14.78
CA LEU D 40 -11.51 14.91 -14.77
C LEU D 40 -11.59 14.15 -16.09
N GLY D 41 -11.19 12.88 -16.02
CA GLY D 41 -11.04 11.93 -17.12
C GLY D 41 -10.92 12.32 -18.58
N LEU D 42 -9.95 11.70 -19.24
CA LEU D 42 -9.77 11.78 -20.68
C LEU D 42 -10.35 10.53 -21.33
N GLN D 43 -11.37 10.70 -22.17
CA GLN D 43 -12.11 9.56 -22.68
C GLN D 43 -12.10 9.46 -24.20
N LEU D 44 -11.94 8.24 -24.71
CA LEU D 44 -11.86 8.00 -26.15
C LEU D 44 -13.23 7.76 -26.77
N ILE D 45 -13.47 8.40 -27.91
CA ILE D 45 -14.74 8.27 -28.62
C ILE D 45 -14.60 7.35 -29.82
N TYR D 46 -13.74 7.74 -30.76
CA TYR D 46 -13.54 6.98 -32.00
C TYR D 46 -12.10 7.04 -32.50
N ILE D 47 -11.76 6.09 -33.36
CA ILE D 47 -10.44 6.01 -33.97
C ILE D 47 -10.55 5.85 -35.48
N SER D 48 -9.79 6.65 -36.22
CA SER D 48 -9.72 6.48 -37.66
C SER D 48 -8.30 6.15 -38.09
N TYR D 49 -8.13 5.00 -38.74
CA TYR D 49 -6.82 4.54 -39.16
C TYR D 49 -6.48 5.08 -40.54
N ASP D 50 -7.50 5.24 -41.37
CA ASP D 50 -7.36 5.87 -42.68
C ASP D 50 -8.73 6.32 -43.18
N VAL D 51 -8.82 6.59 -44.48
CA VAL D 51 -10.06 7.04 -45.09
C VAL D 51 -11.13 5.95 -45.00
N ASP D 52 -12.28 6.31 -44.41
CA ASP D 52 -13.42 5.42 -44.25
C ASP D 52 -13.10 4.18 -43.41
N SER D 53 -12.05 4.27 -42.60
CA SER D 53 -11.69 3.17 -41.71
C SER D 53 -11.77 3.64 -40.26
N ASN D 54 -12.95 3.55 -39.69
CA ASN D 54 -13.19 4.03 -38.34
C ASN D 54 -13.57 2.89 -37.41
N SER D 55 -13.20 3.01 -36.14
CA SER D 55 -13.52 1.98 -35.15
C SER D 55 -14.02 2.62 -33.86
N GLU D 56 -15.01 1.98 -33.26
CA GLU D 56 -15.61 2.47 -32.02
C GLU D 56 -14.58 2.53 -30.89
N GLY D 57 -14.70 3.54 -30.04
CA GLY D 57 -13.81 3.69 -28.91
C GLY D 57 -14.42 3.15 -27.63
N ASP D 58 -14.15 3.82 -26.52
CA ASP D 58 -14.65 3.40 -25.22
C ASP D 58 -16.12 3.78 -25.03
N ILE D 59 -16.48 4.97 -25.53
CA ILE D 59 -17.85 5.46 -25.44
C ILE D 59 -18.35 5.99 -26.76
N PRO D 60 -18.57 5.09 -27.73
CA PRO D 60 -19.03 5.50 -29.07
C PRO D 60 -20.51 5.86 -29.05
N LYS D 61 -21.20 5.48 -27.98
CA LYS D 61 -22.63 5.69 -27.85
C LYS D 61 -23.01 7.16 -27.95
N GLY D 62 -23.87 7.48 -28.91
CA GLY D 62 -24.32 8.85 -29.10
C GLY D 62 -23.45 9.64 -30.05
N TYR D 63 -22.46 8.97 -30.65
CA TYR D 63 -21.52 9.64 -31.55
C TYR D 63 -21.32 8.88 -32.86
N ARG D 64 -20.90 9.61 -33.89
CA ARG D 64 -20.52 9.03 -35.17
C ARG D 64 -19.53 9.94 -35.89
N VAL D 65 -18.71 9.36 -36.77
CA VAL D 65 -17.62 10.10 -37.40
C VAL D 65 -17.58 9.95 -38.92
N SER D 66 -16.70 10.71 -39.55
CA SER D 66 -16.54 10.66 -41.00
C SER D 66 -15.15 11.13 -41.44
N ARG D 67 -14.43 10.25 -42.13
CA ARG D 67 -13.13 10.60 -42.71
C ARG D 67 -13.10 10.26 -44.19
N LYS D 68 -13.41 11.24 -45.03
CA LYS D 68 -13.40 11.03 -46.47
C LYS D 68 -12.06 11.47 -47.05
N LYS D 69 -11.28 12.18 -46.24
CA LYS D 69 -9.94 12.61 -46.62
C LYS D 69 -8.98 12.48 -45.43
N ARG D 70 -7.71 12.17 -45.74
CA ARG D 70 -6.72 11.91 -44.71
C ARG D 70 -6.41 13.13 -43.84
N GLU D 71 -6.45 14.32 -44.44
CA GLU D 71 -6.07 15.53 -43.71
C GLU D 71 -7.13 15.99 -42.73
N HIS D 72 -8.37 15.55 -42.93
CA HIS D 72 -9.46 16.01 -42.09
C HIS D 72 -10.27 14.88 -41.46
N PHE D 73 -10.75 15.13 -40.25
CA PHE D 73 -11.54 14.17 -39.51
C PHE D 73 -12.67 14.88 -38.77
N SER D 74 -13.91 14.56 -39.13
CA SER D 74 -15.06 15.23 -38.54
C SER D 74 -15.81 14.35 -37.56
N LEU D 75 -16.20 14.94 -36.43
CA LEU D 75 -17.04 14.27 -35.44
C LEU D 75 -18.47 14.77 -35.57
N ILE D 76 -19.42 13.83 -35.62
CA ILE D 76 -20.81 14.19 -35.84
C ILE D 76 -21.72 13.69 -34.73
N LEU D 77 -22.47 14.62 -34.14
CA LEU D 77 -23.45 14.27 -33.13
C LEU D 77 -24.85 14.51 -33.68
N ASP D 78 -25.54 13.42 -33.98
CA ASP D 78 -26.88 13.50 -34.55
C ASP D 78 -27.87 14.03 -33.52
N SER D 79 -27.59 13.76 -32.26
CA SER D 79 -28.46 14.21 -31.17
C SER D 79 -27.69 14.65 -29.93
N ALA D 80 -27.62 15.96 -29.71
CA ALA D 80 -26.91 16.51 -28.57
C ALA D 80 -27.65 16.22 -27.28
N LYS D 81 -26.91 15.79 -26.26
CA LYS D 81 -27.50 15.54 -24.95
C LYS D 81 -26.89 16.48 -23.91
N THR D 82 -27.60 16.66 -22.80
CA THR D 82 -27.15 17.56 -21.74
C THR D 82 -25.91 17.01 -21.06
N ASN D 83 -25.80 15.69 -20.98
CA ASN D 83 -24.64 15.06 -20.36
C ASN D 83 -23.42 15.03 -21.29
N GLN D 84 -23.61 15.52 -22.52
CA GLN D 84 -22.52 15.58 -23.49
C GLN D 84 -21.86 16.94 -23.51
N THR D 85 -21.78 17.57 -22.34
CA THR D 85 -21.11 18.86 -22.21
C THR D 85 -19.68 18.68 -21.69
N SER D 86 -18.71 18.86 -22.56
CA SER D 86 -17.31 18.74 -22.18
C SER D 86 -16.39 19.35 -23.23
N VAL D 87 -15.09 19.23 -23.00
CA VAL D 87 -14.09 19.67 -23.95
C VAL D 87 -13.68 18.50 -24.84
N TYR D 88 -13.83 18.67 -26.15
CA TYR D 88 -13.53 17.60 -27.09
C TYR D 88 -12.16 17.81 -27.73
N PHE D 89 -11.34 16.75 -27.67
CA PHE D 89 -9.96 16.83 -28.18
C PHE D 89 -9.73 15.94 -29.40
N CYS D 90 -9.29 16.57 -30.50
CA CYS D 90 -8.85 15.83 -31.68
C CYS D 90 -7.40 15.38 -31.51
N ALA D 91 -7.13 14.12 -31.83
CA ALA D 91 -5.79 13.57 -31.65
C ALA D 91 -5.24 13.01 -32.96
N SER D 92 -3.91 12.96 -33.05
CA SER D 92 -3.24 12.54 -34.28
C SER D 92 -1.88 11.93 -33.98
N SER D 93 -1.42 11.06 -34.87
CA SER D 93 -0.13 10.41 -34.67
C SER D 93 0.54 10.02 -35.99
N LEU D 94 1.84 10.26 -36.08
CA LEU D 94 2.62 9.88 -37.24
C LEU D 94 3.77 8.97 -36.82
N GLY D 95 3.89 7.84 -37.51
CA GLY D 95 4.94 6.87 -37.22
C GLY D 95 4.82 6.25 -35.84
N HIS D 96 3.61 6.32 -35.28
CA HIS D 96 3.26 5.75 -33.97
C HIS D 96 4.33 5.92 -32.88
N THR D 97 4.79 7.16 -32.69
CA THR D 97 5.79 7.44 -31.67
C THR D 97 5.33 8.54 -30.70
N GLU D 98 4.35 9.32 -31.15
CA GLU D 98 3.87 10.45 -30.37
C GLU D 98 2.49 10.91 -30.85
N VAL D 99 1.60 11.20 -29.91
CA VAL D 99 0.27 11.67 -30.25
C VAL D 99 0.16 13.18 -30.09
N PHE D 100 -0.31 13.85 -31.14
CA PHE D 100 -0.48 15.30 -31.11
C PHE D 100 -1.92 15.66 -30.78
N PHE D 101 -2.10 16.61 -29.88
CA PHE D 101 -3.44 17.07 -29.52
C PHE D 101 -3.66 18.52 -29.96
N GLY D 102 -4.90 18.83 -30.32
CA GLY D 102 -5.26 20.19 -30.70
C GLY D 102 -5.50 21.06 -29.48
N LYS D 103 -5.90 22.30 -29.71
CA LYS D 103 -6.16 23.22 -28.62
C LYS D 103 -7.49 22.92 -27.93
N GLY D 104 -8.31 22.11 -28.59
CA GLY D 104 -9.57 21.66 -28.02
C GLY D 104 -10.77 22.50 -28.41
N THR D 105 -11.95 21.92 -28.30
CA THR D 105 -13.19 22.63 -28.57
C THR D 105 -14.16 22.50 -27.39
N ARG D 106 -14.46 23.63 -26.74
CA ARG D 106 -15.36 23.61 -25.60
C ARG D 106 -16.81 23.67 -26.06
N LEU D 107 -17.48 22.52 -25.97
CA LEU D 107 -18.87 22.41 -26.37
C LEU D 107 -19.79 22.42 -25.16
N THR D 108 -20.76 23.33 -25.16
CA THR D 108 -21.74 23.39 -24.09
C THR D 108 -23.14 23.17 -24.67
N VAL D 109 -23.78 22.08 -24.22
CA VAL D 109 -25.12 21.75 -24.65
C VAL D 109 -26.12 22.24 -23.63
N VAL D 110 -27.03 23.10 -24.06
CA VAL D 110 -27.98 23.72 -23.15
C VAL D 110 -29.40 23.23 -23.39
N GLU D 111 -30.22 23.29 -22.34
CA GLU D 111 -31.62 22.91 -22.45
C GLU D 111 -32.41 24.02 -23.14
N ASP D 112 -32.17 25.25 -22.71
CA ASP D 112 -32.85 26.41 -23.27
C ASP D 112 -31.86 27.49 -23.66
N LEU D 113 -31.90 27.90 -24.93
CA LEU D 113 -30.99 28.91 -25.44
C LEU D 113 -31.19 30.27 -24.77
N ARG D 114 -32.39 30.50 -24.23
CA ARG D 114 -32.69 31.77 -23.58
C ARG D 114 -31.91 31.94 -22.29
N ASN D 115 -31.33 30.85 -21.79
CA ASN D 115 -30.53 30.90 -20.58
C ASN D 115 -29.11 31.39 -20.84
N VAL D 116 -28.79 31.57 -22.12
CA VAL D 116 -27.47 32.08 -22.50
C VAL D 116 -27.40 33.59 -22.31
N THR D 117 -26.55 34.03 -21.38
CA THR D 117 -26.42 35.45 -21.07
C THR D 117 -24.97 35.90 -21.03
N PRO D 118 -24.70 37.12 -21.51
CA PRO D 118 -23.39 37.77 -21.43
C PRO D 118 -23.00 38.07 -19.98
N PRO D 119 -21.70 38.29 -19.72
CA PRO D 119 -21.22 38.54 -18.35
C PRO D 119 -21.38 39.98 -17.89
N LYS D 120 -21.45 40.18 -16.57
CA LYS D 120 -21.46 41.52 -15.99
C LYS D 120 -20.07 41.82 -15.43
N VAL D 121 -19.33 42.68 -16.11
CA VAL D 121 -17.94 42.93 -15.76
C VAL D 121 -17.78 44.19 -14.91
N SER D 122 -17.21 44.01 -13.72
CA SER D 122 -16.98 45.11 -12.80
C SER D 122 -15.51 45.16 -12.39
N LEU D 123 -14.95 46.36 -12.36
CA LEU D 123 -13.56 46.54 -11.95
C LEU D 123 -13.51 47.28 -10.62
N PHE D 124 -12.89 46.65 -9.64
CA PHE D 124 -12.84 47.19 -8.29
C PHE D 124 -11.50 47.87 -8.01
N GLU D 125 -11.57 49.07 -7.43
CA GLU D 125 -10.38 49.87 -7.17
C GLU D 125 -9.69 49.42 -5.88
N PRO D 126 -8.35 49.48 -5.86
CA PRO D 126 -7.53 48.94 -4.76
C PRO D 126 -7.74 49.62 -3.42
N SER D 127 -7.51 48.88 -2.35
CA SER D 127 -7.64 49.41 -0.99
C SER D 127 -6.52 50.40 -0.70
N LYS D 128 -6.88 51.50 -0.05
CA LYS D 128 -5.93 52.54 0.33
C LYS D 128 -4.84 52.02 1.27
N ALA D 129 -5.19 51.07 2.12
CA ALA D 129 -4.27 50.51 3.09
C ALA D 129 -3.18 49.67 2.43
N GLU D 130 -3.52 49.08 1.28
CA GLU D 130 -2.60 48.25 0.54
C GLU D 130 -1.42 49.05 0.01
N ILE D 131 -1.72 50.22 -0.56
CA ILE D 131 -0.68 51.11 -1.07
C ILE D 131 0.23 51.61 0.05
N ALA D 132 -0.38 51.91 1.20
CA ALA D 132 0.37 52.43 2.34
C ALA D 132 1.28 51.38 2.97
N ASN D 133 0.77 50.17 3.12
CA ASN D 133 1.48 49.12 3.85
C ASN D 133 2.29 48.18 2.97
N LYS D 134 1.78 47.89 1.78
CA LYS D 134 2.43 46.93 0.90
C LYS D 134 3.18 47.60 -0.23
N GLN D 135 2.99 48.91 -0.38
CA GLN D 135 3.63 49.70 -1.42
C GLN D 135 3.30 49.17 -2.81
N LYS D 136 2.11 48.60 -2.95
CA LYS D 136 1.64 48.05 -4.22
C LYS D 136 0.12 48.09 -4.28
N ALA D 137 -0.43 48.05 -5.49
CA ALA D 137 -1.87 48.14 -5.67
C ALA D 137 -2.42 46.94 -6.45
N THR D 138 -3.49 46.34 -5.93
CA THR D 138 -4.11 45.19 -6.57
C THR D 138 -5.48 45.53 -7.15
N LEU D 139 -5.63 45.33 -8.46
CA LEU D 139 -6.91 45.49 -9.12
C LEU D 139 -7.64 44.16 -9.17
N VAL D 140 -8.97 44.20 -9.10
CA VAL D 140 -9.77 42.98 -9.15
C VAL D 140 -10.93 43.10 -10.12
N CYS D 141 -10.99 42.20 -11.09
CA CYS D 141 -12.07 42.16 -12.05
C CYS D 141 -13.03 41.01 -11.72
N LEU D 142 -14.32 41.24 -11.88
CA LEU D 142 -15.32 40.23 -11.58
C LEU D 142 -16.41 40.16 -12.64
N ALA D 143 -16.54 39.00 -13.25
CA ALA D 143 -17.57 38.77 -14.27
C ALA D 143 -18.64 37.82 -13.73
N ARG D 144 -19.90 38.24 -13.85
CA ARG D 144 -21.02 37.44 -13.37
C ARG D 144 -22.17 37.45 -14.38
N GLY D 145 -23.14 36.58 -14.16
CA GLY D 145 -24.34 36.57 -14.95
C GLY D 145 -24.24 35.87 -16.30
N PHE D 146 -23.15 35.15 -16.51
CA PHE D 146 -22.97 34.38 -17.74
C PHE D 146 -23.22 32.90 -17.49
N PHE D 147 -23.71 32.20 -18.51
CA PHE D 147 -24.07 30.79 -18.34
C PHE D 147 -23.06 29.82 -18.99
N PRO D 148 -22.68 30.06 -20.25
CA PRO D 148 -21.64 29.14 -20.76
C PRO D 148 -20.26 29.49 -20.20
N ASP D 149 -19.43 28.49 -19.95
CA ASP D 149 -18.07 28.75 -19.47
C ASP D 149 -17.15 29.09 -20.63
N HIS D 150 -17.68 29.87 -21.59
CA HIS D 150 -16.93 30.19 -22.79
C HIS D 150 -16.33 31.59 -22.71
N VAL D 151 -16.04 32.03 -21.49
CA VAL D 151 -15.46 33.35 -21.27
C VAL D 151 -13.93 33.29 -21.24
N GLU D 152 -13.30 34.33 -21.79
CA GLU D 152 -11.86 34.47 -21.76
C GLU D 152 -11.45 35.82 -21.20
N LEU D 153 -10.86 35.81 -20.01
CA LEU D 153 -10.50 37.04 -19.31
C LEU D 153 -9.07 37.46 -19.62
N SER D 154 -8.91 38.74 -19.94
CA SER D 154 -7.58 39.29 -20.21
C SER D 154 -7.45 40.69 -19.64
N TRP D 155 -6.23 41.03 -19.22
CA TRP D 155 -5.96 42.36 -18.67
C TRP D 155 -5.22 43.23 -19.68
N TRP D 156 -5.60 44.50 -19.74
CA TRP D 156 -5.01 45.40 -20.71
C TRP D 156 -4.52 46.70 -20.07
N VAL D 157 -3.24 46.97 -20.21
CA VAL D 157 -2.64 48.19 -19.70
C VAL D 157 -2.19 49.09 -20.85
N ASN D 158 -2.81 50.26 -20.93
CA ASN D 158 -2.52 51.25 -21.96
C ASN D 158 -2.72 50.69 -23.38
N GLY D 159 -3.69 49.79 -23.52
CA GLY D 159 -4.06 49.26 -24.81
C GLY D 159 -3.36 47.99 -25.23
N LYS D 160 -2.44 47.51 -24.39
CA LYS D 160 -1.72 46.28 -24.68
C LYS D 160 -1.94 45.25 -23.58
N GLU D 161 -2.19 44.01 -23.99
CA GLU D 161 -2.46 42.92 -23.05
C GLU D 161 -1.22 42.52 -22.27
N VAL D 162 -1.36 42.50 -20.94
CA VAL D 162 -0.28 42.11 -20.06
C VAL D 162 -0.54 40.74 -19.47
N HIS D 163 0.54 40.05 -19.07
CA HIS D 163 0.41 38.72 -18.48
C HIS D 163 1.09 38.67 -17.11
N SER D 164 2.09 39.53 -16.92
CA SER D 164 2.79 39.64 -15.65
C SER D 164 1.93 40.31 -14.59
N GLY D 165 1.92 39.75 -13.39
CA GLY D 165 1.11 40.30 -12.30
C GLY D 165 -0.37 39.98 -12.47
N VAL D 166 -0.67 39.02 -13.33
CA VAL D 166 -2.04 38.61 -13.61
C VAL D 166 -2.36 37.22 -13.08
N CYS D 167 -3.46 37.10 -12.35
CA CYS D 167 -3.93 35.81 -11.86
C CYS D 167 -5.43 35.67 -12.00
N THR D 168 -5.84 34.84 -12.96
CA THR D 168 -7.25 34.61 -13.21
C THR D 168 -7.65 33.25 -12.67
N ASP D 169 -8.85 33.15 -12.12
CA ASP D 169 -9.37 31.87 -11.64
C ASP D 169 -9.42 30.88 -12.79
N PRO D 170 -8.92 29.66 -12.55
CA PRO D 170 -8.79 28.63 -13.58
C PRO D 170 -10.14 28.14 -14.11
N GLN D 171 -11.15 28.09 -13.24
CA GLN D 171 -12.48 27.66 -13.64
C GLN D 171 -13.54 28.66 -13.21
N ALA D 172 -14.59 28.78 -14.01
CA ALA D 172 -15.71 29.63 -13.65
C ALA D 172 -16.47 28.95 -12.51
N TYR D 173 -17.01 29.75 -11.60
CA TYR D 173 -17.66 29.21 -10.42
C TYR D 173 -19.17 29.17 -10.57
N LYS D 174 -19.77 28.08 -10.09
CA LYS D 174 -21.21 27.90 -10.19
C LYS D 174 -21.92 28.73 -9.13
N GLU D 175 -22.43 29.89 -9.54
CA GLU D 175 -23.14 30.76 -8.62
C GLU D 175 -24.61 30.38 -8.54
N SER D 176 -25.18 29.99 -9.68
CA SER D 176 -26.55 29.50 -9.73
C SER D 176 -26.61 28.28 -10.62
N ASN D 177 -27.80 27.75 -10.82
CA ASN D 177 -27.96 26.58 -11.68
C ASN D 177 -27.67 26.93 -13.13
N TYR D 178 -28.14 28.10 -13.55
CA TYR D 178 -27.93 28.56 -14.91
C TYR D 178 -27.08 29.83 -14.97
N SER D 179 -26.16 29.97 -14.02
CA SER D 179 -25.29 31.13 -13.97
C SER D 179 -23.92 30.80 -13.40
N TYR D 180 -22.88 31.32 -14.05
CA TYR D 180 -21.51 31.14 -13.58
C TYR D 180 -20.87 32.47 -13.19
N ALA D 181 -19.74 32.40 -12.49
CA ALA D 181 -19.02 33.59 -12.07
C ALA D 181 -17.51 33.39 -12.16
N LEU D 182 -16.81 34.40 -12.67
CA LEU D 182 -15.37 34.33 -12.83
C LEU D 182 -14.69 35.60 -12.33
N SER D 183 -13.55 35.45 -11.66
CA SER D 183 -12.82 36.59 -11.14
C SER D 183 -11.34 36.52 -11.50
N SER D 184 -10.66 37.67 -11.39
CA SER D 184 -9.24 37.76 -11.66
C SER D 184 -8.66 39.01 -10.99
N ARG D 185 -7.35 39.04 -10.83
CA ARG D 185 -6.72 40.17 -10.16
C ARG D 185 -5.43 40.59 -10.85
N LEU D 186 -5.14 41.89 -10.76
CA LEU D 186 -3.92 42.46 -11.32
C LEU D 186 -3.22 43.30 -10.25
N ARG D 187 -1.93 43.07 -10.06
CA ARG D 187 -1.20 43.77 -9.02
C ARG D 187 0.03 44.49 -9.56
N VAL D 188 0.04 45.81 -9.41
CA VAL D 188 1.18 46.63 -9.83
C VAL D 188 1.69 47.44 -8.65
N SER D 189 2.85 48.08 -8.82
CA SER D 189 3.42 48.91 -7.78
C SER D 189 2.51 50.10 -7.49
N ALA D 190 2.60 50.61 -6.26
CA ALA D 190 1.81 51.76 -5.85
C ALA D 190 2.21 52.99 -6.65
N THR D 191 3.50 53.06 -7.00
CA THR D 191 4.04 54.15 -7.79
C THR D 191 3.40 54.23 -9.17
N PHE D 192 3.30 53.08 -9.84
CA PHE D 192 2.73 53.02 -11.18
C PHE D 192 1.24 53.36 -11.21
N TRP D 193 0.55 53.06 -10.13
CA TRP D 193 -0.88 53.32 -10.02
C TRP D 193 -1.18 54.81 -9.79
N HIS D 194 -0.22 55.51 -9.19
CA HIS D 194 -0.42 56.93 -8.88
C HIS D 194 -0.27 57.84 -10.11
N ASN D 195 0.11 57.25 -11.24
CA ASN D 195 0.22 58.02 -12.47
C ASN D 195 -1.11 58.03 -13.22
N PRO D 196 -1.71 59.21 -13.35
CA PRO D 196 -3.02 59.37 -13.99
C PRO D 196 -3.01 59.10 -15.49
N ARG D 197 -1.83 58.98 -16.08
CA ARG D 197 -1.72 58.71 -17.51
C ARG D 197 -1.84 57.22 -17.82
N ASN D 198 -1.85 56.40 -16.77
CA ASN D 198 -1.99 54.96 -16.93
C ASN D 198 -3.43 54.49 -16.98
N HIS D 199 -3.76 53.77 -18.06
CA HIS D 199 -5.10 53.22 -18.23
C HIS D 199 -5.11 51.71 -18.06
N PHE D 200 -5.97 51.23 -17.16
CA PHE D 200 -6.09 49.81 -16.90
C PHE D 200 -7.44 49.27 -17.39
N ARG D 201 -7.41 48.11 -18.02
CA ARG D 201 -8.63 47.53 -18.58
C ARG D 201 -8.70 46.02 -18.41
N CYS D 202 -9.79 45.56 -17.81
CA CYS D 202 -10.04 44.14 -17.63
C CYS D 202 -11.06 43.67 -18.67
N GLN D 203 -10.59 42.97 -19.69
CA GLN D 203 -11.46 42.53 -20.78
C GLN D 203 -11.93 41.09 -20.61
N VAL D 204 -13.21 40.87 -20.84
CA VAL D 204 -13.78 39.53 -20.81
C VAL D 204 -14.44 39.19 -22.15
N GLN D 205 -13.82 38.28 -22.89
CA GLN D 205 -14.37 37.87 -24.18
C GLN D 205 -15.39 36.75 -24.00
N PHE D 206 -16.63 37.02 -24.40
CA PHE D 206 -17.70 36.05 -24.28
C PHE D 206 -17.98 35.40 -25.63
N HIS D 207 -17.98 34.07 -25.65
CA HIS D 207 -18.31 33.33 -26.87
C HIS D 207 -19.75 32.86 -26.81
N GLY D 208 -20.58 33.37 -27.71
CA GLY D 208 -21.99 33.03 -27.72
C GLY D 208 -22.45 32.35 -28.99
N LEU D 209 -23.66 32.68 -29.42
CA LEU D 209 -24.29 32.02 -30.55
C LEU D 209 -23.79 32.58 -31.88
N SER D 210 -23.95 31.82 -32.94
CA SER D 210 -23.57 32.25 -34.28
C SER D 210 -24.69 33.06 -34.92
N GLU D 211 -24.43 33.61 -36.11
CA GLU D 211 -25.42 34.39 -36.83
C GLU D 211 -26.64 33.55 -37.18
N GLU D 212 -26.41 32.26 -37.45
CA GLU D 212 -27.49 31.35 -37.80
C GLU D 212 -28.09 30.68 -36.57
N ASP D 213 -28.83 31.47 -35.80
CA ASP D 213 -29.53 30.97 -34.62
C ASP D 213 -30.85 31.71 -34.45
N LYS D 214 -31.84 31.05 -33.86
CA LYS D 214 -33.15 31.65 -33.64
C LYS D 214 -33.23 32.32 -32.28
N TRP D 215 -33.77 33.54 -32.25
CA TRP D 215 -33.84 34.33 -31.02
C TRP D 215 -35.01 35.30 -31.08
N PRO D 216 -35.67 35.56 -29.93
CA PRO D 216 -36.74 36.55 -29.84
C PRO D 216 -36.31 37.96 -30.27
N GLU D 217 -37.27 38.85 -30.43
CA GLU D 217 -37.00 40.19 -30.92
C GLU D 217 -37.01 41.21 -29.79
N GLY D 218 -37.68 40.86 -28.69
CA GLY D 218 -37.78 41.77 -27.55
C GLY D 218 -36.59 41.63 -26.61
N SER D 219 -35.57 40.89 -27.04
CA SER D 219 -34.39 40.69 -26.24
C SER D 219 -33.12 40.71 -27.09
N PRO D 220 -32.02 41.22 -26.53
CA PRO D 220 -30.73 41.27 -27.23
C PRO D 220 -30.09 39.89 -27.38
N LYS D 221 -29.63 39.59 -28.59
CA LYS D 221 -28.99 38.31 -28.88
C LYS D 221 -27.57 38.23 -28.31
N PRO D 222 -27.34 37.28 -27.41
CA PRO D 222 -26.04 37.08 -26.74
C PRO D 222 -24.99 36.48 -27.67
N VAL D 223 -24.48 37.28 -28.59
CA VAL D 223 -23.47 36.80 -29.54
C VAL D 223 -22.07 36.82 -28.94
N THR D 224 -21.08 36.42 -29.75
CA THR D 224 -19.69 36.51 -29.33
C THR D 224 -19.30 37.97 -29.19
N GLN D 225 -18.82 38.35 -28.01
CA GLN D 225 -18.52 39.74 -27.73
C GLN D 225 -17.54 39.91 -26.57
N ASN D 226 -16.99 41.12 -26.46
CA ASN D 226 -16.08 41.46 -25.38
C ASN D 226 -16.68 42.50 -24.44
N ILE D 227 -16.72 42.17 -23.15
CA ILE D 227 -17.22 43.10 -22.15
C ILE D 227 -16.11 43.45 -21.18
N SER D 228 -15.76 44.73 -21.09
CA SER D 228 -14.62 45.13 -20.29
C SER D 228 -14.93 46.28 -19.31
N ALA D 229 -14.08 46.40 -18.30
CA ALA D 229 -14.19 47.48 -17.32
C ALA D 229 -12.84 48.18 -17.17
N GLU D 230 -12.85 49.51 -17.14
CA GLU D 230 -11.62 50.29 -17.17
C GLU D 230 -11.45 51.20 -15.95
N ALA D 231 -10.24 51.75 -15.80
CA ALA D 231 -9.93 52.67 -14.72
C ALA D 231 -8.68 53.50 -15.06
N TRP D 232 -8.45 54.55 -14.29
CA TRP D 232 -7.29 55.42 -14.50
C TRP D 232 -6.51 55.65 -13.22
N GLY D 233 -5.29 56.16 -13.36
CA GLY D 233 -4.43 56.47 -12.23
C GLY D 233 -5.01 57.57 -11.38
N ARG D 234 -5.00 57.36 -10.07
CA ARG D 234 -5.60 58.31 -9.13
C ARG D 234 -4.57 58.84 -8.14
N ALA D 235 -4.89 59.97 -7.51
CA ALA D 235 -4.05 60.59 -6.50
C ALA D 235 -2.63 60.83 -7.03
N GLN E 1 -38.50 -4.37 5.58
CA GLN E 1 -37.91 -3.69 4.43
C GLN E 1 -37.50 -2.26 4.79
N GLN E 2 -37.31 -2.01 6.08
CA GLN E 2 -36.93 -0.68 6.56
C GLN E 2 -35.55 -0.29 6.03
N VAL E 3 -34.69 -1.27 5.86
CA VAL E 3 -33.37 -1.06 5.29
C VAL E 3 -33.19 -1.96 4.07
N ARG E 4 -33.05 -1.36 2.90
CA ARG E 4 -32.98 -2.12 1.66
C ARG E 4 -31.60 -2.03 1.01
N GLN E 5 -30.90 -3.16 0.98
CA GLN E 5 -29.59 -3.23 0.34
C GLN E 5 -29.72 -3.68 -1.11
N SER E 6 -28.78 -3.25 -1.95
CA SER E 6 -28.78 -3.64 -3.35
C SER E 6 -27.36 -3.58 -3.91
N PRO E 7 -27.02 -4.54 -4.79
CA PRO E 7 -27.88 -5.65 -5.23
C PRO E 7 -27.91 -6.80 -4.24
N GLN E 8 -28.69 -7.84 -4.53
CA GLN E 8 -28.78 -9.00 -3.68
C GLN E 8 -27.50 -9.83 -3.74
N SER E 9 -26.82 -9.76 -4.89
CA SER E 9 -25.58 -10.48 -5.11
C SER E 9 -24.69 -9.70 -6.06
N LEU E 10 -23.42 -9.55 -5.70
CA LEU E 10 -22.49 -8.75 -6.48
C LEU E 10 -21.22 -9.51 -6.82
N THR E 11 -20.82 -9.46 -8.09
CA THR E 11 -19.59 -10.09 -8.54
C THR E 11 -18.74 -9.11 -9.34
N VAL E 12 -17.53 -8.86 -8.84
CA VAL E 12 -16.61 -7.94 -9.51
C VAL E 12 -15.25 -8.59 -9.73
N TRP E 13 -14.44 -7.95 -10.55
CA TRP E 13 -13.05 -8.38 -10.73
C TRP E 13 -12.16 -7.69 -9.71
N GLU E 14 -11.01 -8.29 -9.43
CA GLU E 14 -10.09 -7.72 -8.45
C GLU E 14 -9.51 -6.41 -8.97
N GLY E 15 -9.27 -5.47 -8.05
CA GLY E 15 -8.77 -4.16 -8.41
C GLY E 15 -9.89 -3.18 -8.62
N GLU E 16 -11.05 -3.68 -9.08
CA GLU E 16 -12.21 -2.82 -9.31
C GLU E 16 -12.80 -2.33 -8.00
N THR E 17 -13.63 -1.31 -8.08
CA THR E 17 -14.30 -0.79 -6.91
C THR E 17 -15.69 -1.40 -6.77
N ALA E 18 -15.92 -2.09 -5.67
CA ALA E 18 -17.21 -2.71 -5.41
C ALA E 18 -18.17 -1.66 -4.85
N ILE E 19 -19.37 -1.60 -5.41
CA ILE E 19 -20.35 -0.61 -4.99
C ILE E 19 -21.61 -1.28 -4.45
N LEU E 20 -21.84 -1.11 -3.16
CA LEU E 20 -23.01 -1.69 -2.49
C LEU E 20 -23.96 -0.58 -2.08
N ASN E 21 -25.16 -0.60 -2.64
CA ASN E 21 -26.13 0.46 -2.40
C ASN E 21 -27.11 0.10 -1.29
N CYS E 22 -27.71 1.14 -0.69
CA CYS E 22 -28.68 0.94 0.37
C CYS E 22 -29.60 2.15 0.50
N SER E 23 -30.86 1.90 0.80
CA SER E 23 -31.84 2.96 0.93
C SER E 23 -32.79 2.71 2.09
N TYR E 24 -33.36 3.79 2.63
CA TYR E 24 -34.29 3.71 3.74
C TYR E 24 -35.45 4.68 3.56
N GLU E 25 -36.49 4.51 4.37
CA GLU E 25 -37.68 5.35 4.27
C GLU E 25 -37.92 6.15 5.53
N ASN E 26 -37.41 5.67 6.66
CA ASN E 26 -37.61 6.33 7.94
C ASN E 26 -36.57 7.41 8.18
N SER E 27 -37.03 8.64 8.37
CA SER E 27 -36.14 9.78 8.56
C SER E 27 -35.50 9.79 9.95
N ALA E 28 -35.91 8.84 10.79
CA ALA E 28 -35.39 8.76 12.15
C ALA E 28 -33.92 8.32 12.18
N PHE E 29 -33.52 7.56 11.17
CA PHE E 29 -32.17 7.02 11.12
C PHE E 29 -31.11 8.11 11.04
N ASP E 30 -30.12 8.02 11.92
CA ASP E 30 -29.07 9.02 12.01
C ASP E 30 -27.71 8.34 12.11
N TYR E 31 -27.73 7.02 12.24
CA TYR E 31 -26.50 6.24 12.36
C TYR E 31 -26.54 5.01 11.47
N PHE E 32 -25.52 4.87 10.62
CA PHE E 32 -25.49 3.79 9.64
C PHE E 32 -24.17 3.01 9.66
N PRO E 33 -24.12 1.95 10.48
CA PRO E 33 -22.94 1.07 10.55
C PRO E 33 -22.95 -0.02 9.49
N TRP E 34 -21.77 -0.39 9.00
CA TRP E 34 -21.63 -1.49 8.05
C TRP E 34 -20.89 -2.67 8.66
N TYR E 35 -21.50 -3.85 8.61
CA TYR E 35 -20.91 -5.04 9.17
C TYR E 35 -20.46 -6.03 8.10
N GLN E 36 -19.23 -6.51 8.23
CA GLN E 36 -18.69 -7.50 7.30
C GLN E 36 -18.69 -8.87 7.95
N GLN E 37 -19.28 -9.86 7.28
CA GLN E 37 -19.35 -11.20 7.81
C GLN E 37 -18.79 -12.23 6.83
N PHE E 38 -17.67 -12.84 7.19
CA PHE E 38 -17.09 -13.92 6.41
C PHE E 38 -17.82 -15.22 6.73
N PRO E 39 -17.94 -16.11 5.72
CA PRO E 39 -18.63 -17.40 5.89
C PRO E 39 -18.09 -18.20 7.06
N GLY E 40 -18.99 -18.71 7.90
CA GLY E 40 -18.60 -19.50 9.05
C GLY E 40 -18.14 -18.65 10.22
N GLU E 41 -18.26 -17.34 10.09
CA GLU E 41 -17.85 -16.42 11.15
C GLU E 41 -18.99 -15.48 11.52
N GLY E 42 -18.83 -14.79 12.64
CA GLY E 42 -19.81 -13.82 13.08
C GLY E 42 -19.57 -12.48 12.44
N PRO E 43 -20.60 -11.63 12.37
CA PRO E 43 -20.50 -10.29 11.79
C PRO E 43 -19.58 -9.37 12.59
N ALA E 44 -18.81 -8.55 11.88
CA ALA E 44 -17.92 -7.60 12.52
C ALA E 44 -18.07 -6.21 11.89
N LEU E 45 -18.08 -5.18 12.72
CA LEU E 45 -18.23 -3.81 12.24
C LEU E 45 -17.08 -3.41 11.32
N LEU E 46 -17.42 -2.94 10.13
CA LEU E 46 -16.41 -2.54 9.15
C LEU E 46 -16.21 -1.02 9.16
N ILE E 47 -17.30 -0.29 9.00
CA ILE E 47 -17.24 1.18 8.94
C ILE E 47 -18.64 1.77 9.16
N SER E 48 -18.70 2.93 9.81
CA SER E 48 -19.97 3.56 10.13
C SER E 48 -19.97 5.05 9.79
N ILE E 49 -21.16 5.59 9.57
CA ILE E 49 -21.30 7.01 9.24
C ILE E 49 -22.58 7.57 9.89
N LEU E 50 -22.60 8.88 10.10
CA LEU E 50 -23.78 9.54 10.65
C LEU E 50 -24.51 10.31 9.56
N SER E 51 -25.83 10.47 9.72
CA SER E 51 -26.65 11.14 8.72
C SER E 51 -26.28 12.62 8.61
N VAL E 52 -25.68 13.16 9.66
CA VAL E 52 -25.23 14.54 9.65
C VAL E 52 -23.98 14.69 8.78
N SER E 53 -23.33 13.57 8.50
CA SER E 53 -22.13 13.56 7.67
C SER E 53 -22.49 13.30 6.21
N ASN E 54 -21.56 13.59 5.32
CA ASN E 54 -21.77 13.42 3.89
C ASN E 54 -20.83 12.38 3.29
N LYS E 55 -19.74 12.09 4.00
CA LYS E 55 -18.72 11.21 3.49
C LYS E 55 -17.87 10.61 4.61
N LYS E 56 -17.69 9.30 4.57
CA LYS E 56 -16.82 8.60 5.52
C LYS E 56 -15.86 7.69 4.78
N GLU E 57 -14.56 7.83 5.06
CA GLU E 57 -13.55 7.03 4.38
C GLU E 57 -12.60 6.36 5.37
N ASP E 58 -12.31 5.10 5.13
CA ASP E 58 -11.39 4.34 5.97
C ASP E 58 -10.57 3.39 5.12
N GLY E 59 -9.42 3.85 4.66
CA GLY E 59 -8.55 3.05 3.81
C GLY E 59 -9.14 2.86 2.43
N ARG E 60 -9.32 1.60 2.03
CA ARG E 60 -9.86 1.28 0.72
C ARG E 60 -11.39 1.33 0.74
N PHE E 61 -11.94 1.55 1.92
CA PHE E 61 -13.39 1.55 2.10
C PHE E 61 -13.90 2.98 2.26
N THR E 62 -14.99 3.30 1.59
CA THR E 62 -15.55 4.64 1.61
C THR E 62 -17.08 4.61 1.57
N ILE E 63 -17.71 5.40 2.44
CA ILE E 63 -19.16 5.51 2.47
C ILE E 63 -19.66 6.83 1.88
N PHE E 64 -20.57 6.74 0.92
CA PHE E 64 -21.21 7.92 0.36
C PHE E 64 -22.64 8.03 0.84
N PHE E 65 -23.05 9.23 1.23
CA PHE E 65 -24.35 9.43 1.86
C PHE E 65 -25.19 10.50 1.17
N ASN E 66 -26.45 10.18 0.93
CA ASN E 66 -27.41 11.13 0.37
C ASN E 66 -28.64 11.24 1.26
N LYS E 67 -28.69 12.29 2.07
CA LYS E 67 -29.77 12.46 3.04
C LYS E 67 -31.10 12.78 2.38
N ARG E 68 -31.06 13.64 1.36
CA ARG E 68 -32.27 14.04 0.65
C ARG E 68 -32.92 12.86 -0.06
N GLU E 69 -32.10 12.02 -0.68
CA GLU E 69 -32.59 10.85 -1.40
C GLU E 69 -32.79 9.66 -0.48
N LYS E 70 -32.31 9.78 0.76
CA LYS E 70 -32.36 8.68 1.74
C LYS E 70 -31.69 7.42 1.20
N LYS E 71 -30.55 7.58 0.54
CA LYS E 71 -29.81 6.47 -0.02
C LYS E 71 -28.35 6.49 0.45
N LEU E 72 -27.70 5.34 0.39
CA LEU E 72 -26.28 5.24 0.75
C LEU E 72 -25.57 4.27 -0.18
N SER E 73 -24.24 4.31 -0.15
CA SER E 73 -23.43 3.46 -1.01
C SER E 73 -22.07 3.16 -0.38
N LEU E 74 -21.62 1.92 -0.51
CA LEU E 74 -20.32 1.51 0.01
C LEU E 74 -19.34 1.22 -1.12
N HIS E 75 -18.22 1.92 -1.13
CA HIS E 75 -17.22 1.75 -2.18
C HIS E 75 -15.94 1.13 -1.64
N ILE E 76 -15.56 -0.02 -2.21
CA ILE E 76 -14.32 -0.68 -1.85
C ILE E 76 -13.29 -0.53 -2.96
N ALA E 77 -12.43 0.48 -2.84
CA ALA E 77 -11.43 0.74 -3.86
C ALA E 77 -10.35 -0.32 -3.83
N ASP E 78 -9.88 -0.71 -5.02
CA ASP E 78 -8.85 -1.75 -5.17
C ASP E 78 -9.24 -3.00 -4.40
N SER E 79 -10.43 -3.52 -4.67
CA SER E 79 -10.96 -4.67 -3.95
C SER E 79 -10.08 -5.91 -4.14
N GLN E 80 -9.90 -6.66 -3.06
CA GLN E 80 -9.10 -7.87 -3.08
C GLN E 80 -9.96 -9.09 -2.77
N PRO E 81 -9.53 -10.27 -3.24
CA PRO E 81 -10.26 -11.51 -2.94
C PRO E 81 -10.38 -11.78 -1.44
N GLY E 82 -9.46 -11.21 -0.66
CA GLY E 82 -9.45 -11.42 0.78
C GLY E 82 -10.63 -10.80 1.49
N ASP E 83 -11.17 -9.71 0.94
CA ASP E 83 -12.28 -9.02 1.57
C ASP E 83 -13.63 -9.47 1.00
N SER E 84 -13.62 -10.55 0.22
CA SER E 84 -14.85 -11.08 -0.36
C SER E 84 -15.69 -11.77 0.70
N ALA E 85 -16.86 -11.19 0.98
CA ALA E 85 -17.78 -11.71 1.98
C ALA E 85 -19.16 -11.11 1.83
N THR E 86 -20.03 -11.38 2.79
CA THR E 86 -21.36 -10.78 2.82
C THR E 86 -21.36 -9.53 3.71
N TYR E 87 -21.90 -8.44 3.18
CA TYR E 87 -21.88 -7.16 3.89
C TYR E 87 -23.28 -6.73 4.31
N PHE E 88 -23.43 -6.46 5.60
CA PHE E 88 -24.71 -6.03 6.15
C PHE E 88 -24.70 -4.56 6.54
N CYS E 89 -25.78 -3.87 6.23
CA CYS E 89 -25.94 -2.48 6.62
C CYS E 89 -27.02 -2.35 7.70
N ALA E 90 -26.69 -1.64 8.77
CA ALA E 90 -27.63 -1.45 9.87
C ALA E 90 -28.02 0.02 10.00
N ALA E 91 -29.02 0.29 10.83
CA ALA E 91 -29.51 1.65 11.00
C ALA E 91 -30.03 1.88 12.41
N SER E 92 -29.71 3.06 12.95
CA SER E 92 -30.22 3.45 14.27
C SER E 92 -30.72 4.88 14.24
N ALA E 93 -31.57 5.21 15.20
CA ALA E 93 -32.17 6.53 15.24
C ALA E 93 -31.56 7.61 16.13
N SER E 94 -31.69 7.42 17.44
CA SER E 94 -31.08 8.32 18.42
C SER E 94 -29.59 8.05 18.58
N PHE E 95 -29.16 6.85 18.17
CA PHE E 95 -27.78 6.38 18.34
C PHE E 95 -27.43 6.27 19.83
N GLY E 96 -28.43 6.45 20.69
CA GLY E 96 -28.26 6.25 22.12
C GLY E 96 -28.41 4.79 22.48
N ASP E 97 -28.57 4.50 23.76
CA ASP E 97 -28.77 3.12 24.21
C ASP E 97 -30.06 2.55 23.64
N ASN E 98 -30.23 1.23 23.78
CA ASN E 98 -31.31 0.47 23.15
C ASN E 98 -31.65 0.97 21.74
N SER E 99 -30.60 1.23 20.96
CA SER E 99 -30.72 1.81 19.63
C SER E 99 -31.62 1.01 18.70
N LYS E 100 -31.70 -0.29 18.94
CA LYS E 100 -32.50 -1.19 18.12
C LYS E 100 -32.08 -1.08 16.65
N LEU E 101 -30.94 -1.68 16.34
CA LEU E 101 -30.39 -1.62 14.98
C LEU E 101 -31.25 -2.40 14.01
N ILE E 102 -31.65 -1.76 12.92
CA ILE E 102 -32.41 -2.42 11.87
C ILE E 102 -31.47 -2.95 10.80
N TRP E 103 -31.48 -4.26 10.62
CA TRP E 103 -30.52 -4.92 9.73
C TRP E 103 -31.04 -5.08 8.32
N GLY E 104 -30.15 -4.88 7.35
CA GLY E 104 -30.44 -5.19 5.96
C GLY E 104 -30.25 -6.68 5.71
N LEU E 105 -30.76 -7.16 4.59
CA LEU E 105 -30.68 -8.58 4.27
C LEU E 105 -29.29 -8.97 3.78
N GLY E 106 -28.41 -7.97 3.67
CA GLY E 106 -27.02 -8.21 3.33
C GLY E 106 -26.80 -8.38 1.84
N THR E 107 -25.56 -8.15 1.42
CA THR E 107 -25.18 -8.33 0.03
C THR E 107 -23.94 -9.22 -0.07
N SER E 108 -24.09 -10.35 -0.75
CA SER E 108 -22.97 -11.27 -0.93
C SER E 108 -22.02 -10.76 -2.01
N LEU E 109 -20.76 -10.57 -1.63
CA LEU E 109 -19.76 -10.06 -2.57
C LEU E 109 -18.72 -11.11 -2.91
N VAL E 110 -18.45 -11.26 -4.20
CA VAL E 110 -17.41 -12.17 -4.67
C VAL E 110 -16.43 -11.43 -5.57
N VAL E 111 -15.18 -11.37 -5.14
CA VAL E 111 -14.15 -10.66 -5.90
C VAL E 111 -13.26 -11.64 -6.67
N ASN E 112 -13.48 -11.72 -7.98
CA ASN E 112 -12.72 -12.63 -8.82
C ASN E 112 -11.33 -12.11 -9.13
N PRO E 113 -10.33 -12.99 -9.06
CA PRO E 113 -8.93 -12.61 -9.35
C PRO E 113 -8.62 -12.59 -10.84
N ASN E 114 -7.80 -11.65 -11.26
CA ASN E 114 -7.37 -11.57 -12.66
C ASN E 114 -6.27 -12.58 -12.95
N ILE E 115 -6.63 -13.67 -13.62
CA ILE E 115 -5.65 -14.68 -13.99
C ILE E 115 -5.23 -14.50 -15.46
N GLN E 116 -3.95 -14.25 -15.66
CA GLN E 116 -3.41 -14.10 -17.00
C GLN E 116 -3.07 -15.47 -17.57
N ASN E 117 -3.44 -15.67 -18.84
CA ASN E 117 -3.25 -16.95 -19.52
C ASN E 117 -3.85 -18.13 -18.76
N PRO E 118 -5.19 -18.24 -18.79
CA PRO E 118 -5.87 -19.38 -18.14
C PRO E 118 -5.71 -20.66 -18.95
N GLU E 119 -5.52 -21.77 -18.26
CA GLU E 119 -5.33 -23.06 -18.94
C GLU E 119 -6.34 -24.11 -18.48
N PRO E 120 -7.61 -23.96 -18.89
CA PRO E 120 -8.69 -24.83 -18.44
C PRO E 120 -8.50 -26.28 -18.88
N ALA E 121 -8.44 -27.20 -17.91
CA ALA E 121 -8.28 -28.61 -18.21
C ALA E 121 -9.08 -29.47 -17.24
N VAL E 122 -9.58 -30.61 -17.72
CA VAL E 122 -10.35 -31.52 -16.89
C VAL E 122 -9.51 -32.75 -16.55
N TYR E 123 -9.43 -33.07 -15.26
CA TYR E 123 -8.63 -34.19 -14.80
C TYR E 123 -9.44 -35.22 -14.03
N GLN E 124 -9.11 -36.49 -14.21
CA GLN E 124 -9.76 -37.57 -13.49
C GLN E 124 -8.86 -38.07 -12.36
N LEU E 125 -9.39 -38.11 -11.14
CA LEU E 125 -8.63 -38.55 -9.99
C LEU E 125 -9.16 -39.89 -9.48
N LYS E 126 -8.39 -40.57 -8.65
CA LYS E 126 -8.77 -41.90 -8.20
C LYS E 126 -8.43 -42.08 -6.71
N ASP E 127 -9.33 -42.72 -5.98
CA ASP E 127 -9.10 -43.04 -4.57
C ASP E 127 -8.64 -44.48 -4.38
N PRO E 128 -7.36 -44.67 -4.01
CA PRO E 128 -6.77 -46.00 -3.86
C PRO E 128 -7.45 -46.83 -2.76
N ARG E 129 -7.92 -46.17 -1.71
CA ARG E 129 -8.51 -46.85 -0.57
C ARG E 129 -9.82 -47.57 -0.93
N SER E 130 -10.50 -47.07 -1.96
CA SER E 130 -11.74 -47.69 -2.42
C SER E 130 -11.81 -47.71 -3.94
N GLN E 131 -11.71 -48.90 -4.52
CA GLN E 131 -11.68 -49.06 -5.98
C GLN E 131 -12.97 -48.59 -6.66
N ASP E 132 -12.95 -48.62 -7.99
CA ASP E 132 -14.05 -48.20 -8.87
C ASP E 132 -14.79 -46.95 -8.41
N SER E 133 -14.03 -45.94 -7.98
CA SER E 133 -14.60 -44.65 -7.57
C SER E 133 -14.04 -43.52 -8.41
N THR E 134 -14.84 -43.02 -9.35
CA THR E 134 -14.38 -42.00 -10.30
C THR E 134 -14.62 -40.58 -9.77
N LEU E 135 -13.62 -39.72 -9.95
CA LEU E 135 -13.74 -38.31 -9.58
C LEU E 135 -13.26 -37.41 -10.70
N CYS E 136 -14.01 -36.32 -10.95
CA CYS E 136 -13.67 -35.38 -12.01
C CYS E 136 -13.26 -34.03 -11.44
N LEU E 137 -12.26 -33.41 -12.07
CA LEU E 137 -11.74 -32.13 -11.61
C LEU E 137 -11.62 -31.11 -12.73
N PHE E 138 -12.28 -29.97 -12.58
CA PHE E 138 -12.15 -28.86 -13.52
C PHE E 138 -11.33 -27.76 -12.86
N THR E 139 -10.21 -27.40 -13.47
CA THR E 139 -9.30 -26.43 -12.85
C THR E 139 -8.63 -25.51 -13.86
N ASP E 140 -8.01 -24.46 -13.34
CA ASP E 140 -7.27 -23.48 -14.13
C ASP E 140 -8.12 -22.82 -15.22
N PHE E 141 -9.43 -22.80 -15.01
CA PHE E 141 -10.34 -22.10 -15.91
C PHE E 141 -10.50 -20.66 -15.45
N ASP E 142 -11.05 -19.81 -16.30
CA ASP E 142 -11.17 -18.39 -15.98
C ASP E 142 -12.27 -18.13 -14.98
N SER E 143 -12.18 -17.01 -14.26
CA SER E 143 -13.06 -16.74 -13.12
C SER E 143 -14.48 -16.36 -13.54
N GLN E 144 -14.63 -15.84 -14.76
CA GLN E 144 -15.94 -15.45 -15.24
C GLN E 144 -16.66 -16.63 -15.87
N ILE E 145 -15.94 -17.72 -16.10
CA ILE E 145 -16.54 -18.94 -16.61
C ILE E 145 -17.51 -19.53 -15.59
N ASN E 146 -18.76 -19.70 -15.99
CA ASN E 146 -19.78 -20.26 -15.10
C ASN E 146 -19.78 -21.78 -15.09
N VAL E 147 -19.43 -22.35 -13.93
CA VAL E 147 -19.41 -23.80 -13.77
C VAL E 147 -20.82 -24.38 -13.88
N PRO E 148 -21.04 -25.25 -14.88
CA PRO E 148 -22.36 -25.83 -15.15
C PRO E 148 -22.88 -26.70 -14.01
N LYS E 149 -24.16 -26.55 -13.69
CA LYS E 149 -24.83 -27.39 -12.71
C LYS E 149 -25.75 -28.37 -13.40
N THR E 150 -25.82 -29.61 -12.89
CA THR E 150 -26.64 -30.64 -13.50
C THR E 150 -27.21 -31.59 -12.45
N MET E 151 -28.50 -31.88 -12.56
CA MET E 151 -29.18 -32.80 -11.64
C MET E 151 -29.48 -34.12 -12.33
N GLU E 152 -28.58 -35.08 -12.18
CA GLU E 152 -28.75 -36.40 -12.78
C GLU E 152 -29.21 -37.42 -11.76
N SER E 153 -29.57 -36.95 -10.57
CA SER E 153 -30.00 -37.80 -9.46
C SER E 153 -28.96 -38.89 -9.16
N GLY E 154 -27.85 -38.47 -8.58
CA GLY E 154 -26.75 -39.38 -8.28
C GLY E 154 -25.42 -38.76 -8.67
N THR E 155 -25.49 -37.67 -9.41
CA THR E 155 -24.30 -36.93 -9.84
C THR E 155 -24.26 -35.56 -9.18
N PHE E 156 -23.10 -35.17 -8.67
CA PHE E 156 -22.97 -33.93 -7.95
C PHE E 156 -21.78 -33.10 -8.41
N ILE E 157 -22.00 -31.80 -8.57
CA ILE E 157 -20.95 -30.87 -8.99
C ILE E 157 -20.84 -29.74 -7.99
N THR E 158 -19.62 -29.46 -7.54
CA THR E 158 -19.40 -28.38 -6.58
C THR E 158 -19.31 -27.02 -7.28
N ASP E 159 -19.51 -25.97 -6.51
CA ASP E 159 -19.37 -24.60 -7.01
C ASP E 159 -17.89 -24.28 -7.22
N LYS E 160 -17.62 -23.24 -7.99
CA LYS E 160 -16.25 -22.79 -8.22
C LYS E 160 -15.65 -22.34 -6.90
N CYS E 161 -14.33 -22.50 -6.76
CA CYS E 161 -13.66 -22.17 -5.51
C CYS E 161 -12.29 -21.56 -5.78
N VAL E 162 -12.12 -20.29 -5.41
CA VAL E 162 -10.87 -19.58 -5.67
C VAL E 162 -9.75 -20.06 -4.75
N LEU E 163 -8.63 -20.43 -5.35
CA LEU E 163 -7.49 -20.95 -4.61
C LEU E 163 -6.31 -19.99 -4.62
N ASP E 164 -5.51 -20.00 -3.55
CA ASP E 164 -4.34 -19.15 -3.47
C ASP E 164 -3.10 -19.93 -3.02
N MET E 165 -2.14 -20.10 -3.93
CA MET E 165 -0.88 -20.74 -3.61
C MET E 165 0.18 -19.70 -3.23
N LYS E 166 0.99 -20.01 -2.22
CA LYS E 166 1.99 -19.07 -1.73
C LYS E 166 3.15 -18.92 -2.70
N ALA E 167 3.29 -19.88 -3.60
CA ALA E 167 4.37 -19.84 -4.60
C ALA E 167 3.98 -18.92 -5.74
N MET E 168 4.95 -18.13 -6.19
CA MET E 168 4.82 -17.12 -7.25
C MET E 168 3.71 -16.07 -7.24
N ASP E 169 3.04 -15.92 -8.38
CA ASP E 169 1.75 -15.26 -8.51
C ASP E 169 0.74 -16.18 -9.18
N SER E 170 0.24 -17.15 -8.43
CA SER E 170 -0.71 -18.09 -9.03
C SER E 170 -1.90 -18.44 -8.17
N LYS E 171 -3.04 -17.88 -8.53
CA LYS E 171 -4.30 -18.25 -7.93
C LYS E 171 -5.05 -19.04 -9.00
N SER E 172 -5.83 -20.04 -8.59
CA SER E 172 -6.48 -20.90 -9.57
C SER E 172 -7.92 -21.24 -9.17
N ASN E 173 -8.77 -21.45 -10.18
CA ASN E 173 -10.13 -21.87 -9.95
C ASN E 173 -10.27 -23.38 -9.98
N GLY E 174 -11.30 -23.90 -9.31
CA GLY E 174 -11.50 -25.33 -9.22
C GLY E 174 -12.94 -25.75 -9.01
N ALA E 175 -13.31 -26.88 -9.61
CA ALA E 175 -14.64 -27.45 -9.44
C ALA E 175 -14.53 -28.97 -9.29
N ILE E 176 -15.43 -29.55 -8.51
CA ILE E 176 -15.37 -30.98 -8.24
C ILE E 176 -16.65 -31.68 -8.69
N ALA E 177 -16.49 -32.81 -9.39
CA ALA E 177 -17.63 -33.60 -9.82
C ALA E 177 -17.42 -35.07 -9.49
N TRP E 178 -18.48 -35.74 -9.05
CA TRP E 178 -18.42 -37.16 -8.74
C TRP E 178 -19.78 -37.80 -8.90
N SER E 179 -19.79 -39.13 -8.93
CA SER E 179 -21.03 -39.88 -9.04
C SER E 179 -20.92 -41.22 -8.32
N ASN E 180 -22.05 -41.72 -7.85
CA ASN E 180 -22.10 -43.01 -7.16
C ASN E 180 -22.04 -44.16 -8.15
N GLN E 181 -22.05 -43.83 -9.43
CA GLN E 181 -22.00 -44.83 -10.49
C GLN E 181 -20.57 -45.33 -10.68
N THR E 182 -20.43 -46.62 -10.90
CA THR E 182 -19.12 -47.26 -11.02
C THR E 182 -18.34 -46.75 -12.24
N SER E 183 -19.01 -46.65 -13.37
CA SER E 183 -18.34 -46.29 -14.62
C SER E 183 -18.93 -45.02 -15.24
N PHE E 184 -18.11 -43.97 -15.27
CA PHE E 184 -18.47 -42.71 -15.92
C PHE E 184 -17.22 -41.85 -16.11
N THR E 185 -17.04 -41.33 -17.31
CA THR E 185 -15.86 -40.54 -17.63
C THR E 185 -16.06 -39.05 -17.35
N CYS E 186 -14.97 -38.33 -17.18
CA CYS E 186 -15.01 -36.90 -16.90
C CYS E 186 -15.09 -36.08 -18.18
N GLN E 187 -14.83 -36.73 -19.31
CA GLN E 187 -14.76 -36.06 -20.61
C GLN E 187 -16.04 -35.32 -20.98
N ASP E 188 -17.18 -35.97 -20.79
CA ASP E 188 -18.47 -35.38 -21.17
C ASP E 188 -19.25 -34.91 -19.94
N ILE E 189 -19.48 -33.60 -19.87
CA ILE E 189 -20.23 -33.01 -18.77
C ILE E 189 -20.89 -31.70 -19.18
N VAL F 3 -15.12 -9.32 24.66
CA VAL F 3 -15.19 -10.56 23.88
C VAL F 3 -16.32 -11.46 24.37
N THR F 4 -17.16 -11.89 23.44
CA THR F 4 -18.27 -12.78 23.77
C THR F 4 -17.99 -14.19 23.26
N GLN F 5 -18.34 -15.17 24.07
CA GLN F 5 -18.11 -16.57 23.73
C GLN F 5 -19.36 -17.41 23.93
N MET F 6 -19.39 -18.59 23.30
CA MET F 6 -20.53 -19.48 23.38
C MET F 6 -20.17 -20.85 22.83
N PRO F 7 -20.90 -21.90 23.24
CA PRO F 7 -20.70 -23.23 22.67
C PRO F 7 -20.86 -23.21 21.16
N ARG F 8 -19.98 -23.88 20.43
CA ARG F 8 -19.91 -23.71 18.99
C ARG F 8 -20.97 -24.55 18.27
N TYR F 9 -20.97 -25.85 18.51
CA TYR F 9 -21.92 -26.75 17.86
C TYR F 9 -22.77 -27.49 18.90
N LEU F 10 -24.02 -27.76 18.53
CA LEU F 10 -24.95 -28.47 19.42
C LEU F 10 -26.03 -29.22 18.64
N ILE F 11 -26.31 -30.44 19.07
CA ILE F 11 -27.34 -31.26 18.45
C ILE F 11 -28.42 -31.65 19.46
N LYS F 12 -29.67 -31.33 19.17
CA LYS F 12 -30.78 -31.67 20.04
C LYS F 12 -31.91 -32.34 19.26
N ARG F 13 -32.62 -33.26 19.90
CA ARG F 13 -33.79 -33.90 19.30
C ARG F 13 -35.00 -32.99 19.45
N MET F 14 -35.98 -33.12 18.55
CA MET F 14 -37.21 -32.35 18.67
C MET F 14 -38.07 -32.87 19.82
N GLY F 15 -38.64 -31.96 20.60
CA GLY F 15 -39.56 -32.33 21.66
C GLY F 15 -39.08 -32.03 23.07
N GLU F 16 -37.76 -32.04 23.26
CA GLU F 16 -37.20 -31.82 24.60
C GLU F 16 -36.58 -30.43 24.74
N ASN F 17 -36.20 -30.09 25.96
CA ASN F 17 -35.67 -28.77 26.27
C ASN F 17 -34.27 -28.50 25.74
N VAL F 18 -34.00 -27.24 25.43
CA VAL F 18 -32.69 -26.80 24.93
C VAL F 18 -32.23 -25.55 25.67
N LEU F 19 -30.94 -25.48 25.96
CA LEU F 19 -30.38 -24.32 26.65
C LEU F 19 -29.17 -23.73 25.92
N LEU F 20 -29.21 -22.43 25.67
CA LEU F 20 -28.08 -21.72 25.08
C LEU F 20 -27.57 -20.66 26.05
N GLU F 21 -26.24 -20.57 26.17
CA GLU F 21 -25.63 -19.64 27.12
C GLU F 21 -24.72 -18.63 26.43
N CYS F 22 -24.57 -17.47 27.06
CA CYS F 22 -23.73 -16.40 26.51
C CYS F 22 -23.10 -15.57 27.63
N GLY F 23 -21.88 -15.08 27.38
CA GLY F 23 -21.17 -14.31 28.38
C GLY F 23 -20.33 -13.17 27.81
N GLN F 24 -20.07 -12.17 28.63
CA GLN F 24 -19.25 -11.02 28.24
C GLN F 24 -18.50 -10.48 29.46
N ASP F 25 -17.37 -9.83 29.21
CA ASP F 25 -16.49 -9.40 30.30
C ASP F 25 -16.31 -7.88 30.41
N MET F 26 -17.26 -7.13 29.88
CA MET F 26 -17.17 -5.67 29.90
C MET F 26 -18.25 -5.06 30.80
N SER F 27 -19.07 -5.92 31.39
CA SER F 27 -20.07 -5.53 32.39
C SER F 27 -21.00 -4.42 31.92
N HIS F 28 -21.37 -4.43 30.64
CA HIS F 28 -22.32 -3.46 30.11
C HIS F 28 -23.74 -3.87 30.46
N GLU F 29 -24.71 -3.14 29.92
CA GLU F 29 -26.12 -3.35 30.27
C GLU F 29 -26.88 -4.14 29.20
N THR F 30 -26.83 -3.68 27.95
CA THR F 30 -27.69 -4.21 26.92
C THR F 30 -27.09 -5.42 26.20
N MET F 31 -27.86 -6.51 26.14
CA MET F 31 -27.47 -7.72 25.43
C MET F 31 -28.58 -8.14 24.48
N TYR F 32 -28.26 -8.95 23.48
CA TYR F 32 -29.24 -9.38 22.50
C TYR F 32 -29.10 -10.85 22.15
N TRP F 33 -30.17 -11.43 21.60
CA TRP F 33 -30.12 -12.78 21.04
C TRP F 33 -30.64 -12.79 19.61
N TYR F 34 -29.79 -13.22 18.68
CA TYR F 34 -30.16 -13.29 17.28
C TYR F 34 -30.08 -14.72 16.75
N ARG F 35 -30.91 -15.02 15.76
CA ARG F 35 -30.80 -16.26 15.01
C ARG F 35 -30.63 -15.93 13.53
N GLN F 36 -29.88 -16.77 12.82
CA GLN F 36 -29.65 -16.55 11.40
C GLN F 36 -29.68 -17.85 10.62
N ASP F 37 -30.61 -17.94 9.68
CA ASP F 37 -30.65 -19.07 8.76
C ASP F 37 -29.42 -19.03 7.87
N PRO F 38 -28.86 -20.21 7.55
CA PRO F 38 -27.59 -20.32 6.82
C PRO F 38 -27.64 -19.64 5.46
N GLY F 39 -28.84 -19.49 4.90
CA GLY F 39 -28.98 -18.90 3.59
C GLY F 39 -29.24 -17.41 3.57
N LEU F 40 -29.89 -16.88 4.59
CA LEU F 40 -30.30 -15.47 4.53
C LEU F 40 -30.75 -14.13 5.11
N GLY F 41 -31.77 -14.21 5.97
CA GLY F 41 -32.17 -13.34 7.08
C GLY F 41 -31.57 -13.47 8.45
N LEU F 42 -31.25 -12.31 9.02
CA LEU F 42 -30.82 -12.19 10.40
C LEU F 42 -31.99 -11.70 11.23
N GLN F 43 -32.45 -12.52 12.18
CA GLN F 43 -33.67 -12.23 12.90
C GLN F 43 -33.43 -12.15 14.41
N LEU F 44 -34.09 -11.18 15.05
CA LEU F 44 -33.93 -10.93 16.48
C LEU F 44 -34.90 -11.78 17.30
N ILE F 45 -34.40 -12.35 18.39
CA ILE F 45 -35.21 -13.21 19.25
C ILE F 45 -35.68 -12.49 20.51
N TYR F 46 -34.74 -12.04 21.32
CA TYR F 46 -35.08 -11.40 22.58
C TYR F 46 -34.10 -10.28 22.94
N ILE F 47 -34.53 -9.37 23.81
CA ILE F 47 -33.69 -8.27 24.27
C ILE F 47 -33.71 -8.17 25.79
N SER F 48 -32.52 -8.07 26.38
CA SER F 48 -32.40 -7.85 27.82
C SER F 48 -31.67 -6.55 28.11
N TYR F 49 -32.32 -5.66 28.83
CA TYR F 49 -31.73 -4.35 29.15
C TYR F 49 -30.87 -4.42 30.41
N ASP F 50 -31.29 -5.27 31.35
CA ASP F 50 -30.49 -5.54 32.55
C ASP F 50 -30.97 -6.84 33.20
N VAL F 51 -30.59 -7.04 34.45
CA VAL F 51 -30.96 -8.25 35.19
C VAL F 51 -32.47 -8.31 35.40
N ASP F 52 -33.08 -9.42 35.01
CA ASP F 52 -34.50 -9.67 35.15
C ASP F 52 -35.35 -8.67 34.37
N SER F 53 -34.74 -8.02 33.39
CA SER F 53 -35.44 -7.08 32.51
C SER F 53 -35.34 -7.54 31.06
N ASN F 54 -36.28 -8.37 30.64
CA ASN F 54 -36.25 -8.91 29.29
C ASN F 54 -37.43 -8.44 28.45
N SER F 55 -37.21 -8.29 27.15
CA SER F 55 -38.26 -7.85 26.24
C SER F 55 -38.27 -8.69 24.96
N GLU F 56 -39.46 -9.01 24.48
CA GLU F 56 -39.63 -9.81 23.28
C GLU F 56 -39.05 -9.10 22.05
N GLY F 57 -38.49 -9.89 21.13
CA GLY F 57 -37.95 -9.36 19.90
C GLY F 57 -38.93 -9.46 18.75
N ASP F 58 -38.42 -9.75 17.56
CA ASP F 58 -39.26 -9.86 16.37
C ASP F 58 -39.97 -11.22 16.33
N ILE F 59 -39.26 -12.26 16.75
CA ILE F 59 -39.84 -13.61 16.79
C ILE F 59 -39.58 -14.31 18.12
N PRO F 60 -40.22 -13.85 19.20
CA PRO F 60 -40.02 -14.43 20.52
C PRO F 60 -40.75 -15.76 20.69
N LYS F 61 -41.67 -16.07 19.76
CA LYS F 61 -42.46 -17.29 19.84
C LYS F 61 -41.62 -18.55 19.86
N GLY F 62 -41.79 -19.35 20.91
CA GLY F 62 -41.06 -20.60 21.06
C GLY F 62 -39.75 -20.42 21.81
N TYR F 63 -39.54 -19.21 22.31
CA TYR F 63 -38.30 -18.92 23.03
C TYR F 63 -38.57 -18.18 24.35
N ARG F 64 -37.63 -18.31 25.28
CA ARG F 64 -37.66 -17.56 26.52
C ARG F 64 -36.24 -17.43 27.05
N VAL F 65 -36.00 -16.41 27.88
CA VAL F 65 -34.64 -16.11 28.31
C VAL F 65 -34.54 -15.97 29.83
N SER F 66 -33.30 -15.82 30.30
CA SER F 66 -33.03 -15.66 31.72
C SER F 66 -31.71 -14.92 31.94
N ARG F 67 -31.78 -13.78 32.63
CA ARG F 67 -30.59 -13.03 32.97
C ARG F 67 -30.54 -12.75 34.46
N LYS F 68 -29.85 -13.61 35.20
CA LYS F 68 -29.72 -13.45 36.65
C LYS F 68 -28.42 -12.73 36.99
N LYS F 69 -27.55 -12.59 36.00
CA LYS F 69 -26.31 -11.84 36.17
C LYS F 69 -26.05 -10.99 34.93
N ARG F 70 -25.45 -9.82 35.12
CA ARG F 70 -25.22 -8.88 34.02
C ARG F 70 -24.27 -9.45 32.98
N GLU F 71 -23.31 -10.24 33.43
CA GLU F 71 -22.27 -10.77 32.55
C GLU F 71 -22.76 -11.92 31.68
N HIS F 72 -23.88 -12.52 32.07
CA HIS F 72 -24.36 -13.72 31.38
C HIS F 72 -25.79 -13.58 30.90
N PHE F 73 -26.07 -14.22 29.76
CA PHE F 73 -27.39 -14.19 29.16
C PHE F 73 -27.70 -15.56 28.56
N SER F 74 -28.72 -16.23 29.11
CA SER F 74 -29.06 -17.57 28.67
C SER F 74 -30.35 -17.62 27.86
N LEU F 75 -30.33 -18.38 26.77
CA LEU F 75 -31.52 -18.60 25.97
C LEU F 75 -32.08 -19.99 26.26
N ILE F 76 -33.38 -20.07 26.51
CA ILE F 76 -34.00 -21.32 26.92
C ILE F 76 -35.14 -21.75 25.98
N LEU F 77 -35.02 -22.96 25.44
CA LEU F 77 -36.05 -23.54 24.59
C LEU F 77 -36.71 -24.72 25.30
N ASP F 78 -37.96 -24.55 25.72
CA ASP F 78 -38.67 -25.59 26.46
C ASP F 78 -38.99 -26.80 25.60
N SER F 79 -39.27 -26.57 24.32
CA SER F 79 -39.57 -27.64 23.38
C SER F 79 -39.00 -27.35 22.00
N ALA F 80 -37.93 -28.06 21.63
CA ALA F 80 -37.27 -27.84 20.36
C ALA F 80 -38.14 -28.25 19.18
N LYS F 81 -38.17 -27.41 18.16
CA LYS F 81 -38.91 -27.71 16.94
C LYS F 81 -37.96 -27.84 15.75
N THR F 82 -38.43 -28.51 14.70
CA THR F 82 -37.60 -28.75 13.52
C THR F 82 -37.31 -27.46 12.76
N ASN F 83 -38.24 -26.52 12.80
CA ASN F 83 -38.06 -25.24 12.12
C ASN F 83 -37.12 -24.31 12.87
N GLN F 84 -36.64 -24.76 14.03
CA GLN F 84 -35.73 -23.97 14.84
C GLN F 84 -34.28 -24.37 14.61
N THR F 85 -33.97 -24.74 13.37
CA THR F 85 -32.61 -25.09 12.98
C THR F 85 -31.94 -23.91 12.27
N SER F 86 -31.01 -23.27 12.97
CA SER F 86 -30.29 -22.13 12.41
C SER F 86 -29.04 -21.79 13.21
N VAL F 87 -28.35 -20.73 12.81
CA VAL F 87 -27.20 -20.24 13.54
C VAL F 87 -27.63 -19.13 14.49
N TYR F 88 -27.37 -19.32 15.77
CA TYR F 88 -27.81 -18.36 16.79
C TYR F 88 -26.67 -17.44 17.22
N PHE F 89 -26.92 -16.14 17.18
CA PHE F 89 -25.91 -15.15 17.55
C PHE F 89 -26.29 -14.38 18.80
N CYS F 90 -25.44 -14.46 19.82
CA CYS F 90 -25.57 -13.61 20.99
C CYS F 90 -24.91 -12.28 20.70
N ALA F 91 -25.57 -11.18 21.05
CA ALA F 91 -25.04 -9.86 20.74
C ALA F 91 -24.85 -9.03 22.00
N SER F 92 -23.96 -8.06 21.91
CA SER F 92 -23.60 -7.22 23.06
C SER F 92 -23.15 -5.84 22.58
N SER F 93 -23.30 -4.84 23.44
CA SER F 93 -22.94 -3.48 23.09
C SER F 93 -22.53 -2.66 24.31
N LEU F 94 -21.47 -1.87 24.14
CA LEU F 94 -21.01 -1.00 25.22
C LEU F 94 -21.01 0.45 24.77
N GLY F 95 -21.63 1.31 25.57
CA GLY F 95 -21.69 2.74 25.28
C GLY F 95 -22.45 3.04 24.00
N HIS F 96 -23.28 2.09 23.58
CA HIS F 96 -24.10 2.18 22.37
C HIS F 96 -23.36 2.83 21.20
N THR F 97 -22.17 2.32 20.90
CA THR F 97 -21.35 2.84 19.82
C THR F 97 -21.00 1.73 18.83
N GLU F 98 -21.09 0.49 19.31
CA GLU F 98 -20.75 -0.67 18.49
C GLU F 98 -21.34 -1.95 19.10
N VAL F 99 -21.91 -2.79 18.25
CA VAL F 99 -22.48 -4.05 18.70
C VAL F 99 -21.53 -5.20 18.39
N PHE F 100 -21.23 -6.01 19.40
CA PHE F 100 -20.34 -7.15 19.24
C PHE F 100 -21.10 -8.44 19.02
N PHE F 101 -20.66 -9.23 18.05
CA PHE F 101 -21.25 -10.53 17.78
C PHE F 101 -20.27 -11.64 18.10
N GLY F 102 -20.80 -12.77 18.56
CA GLY F 102 -19.98 -13.93 18.86
C GLY F 102 -19.67 -14.72 17.60
N LYS F 103 -18.99 -15.85 17.78
CA LYS F 103 -18.64 -16.71 16.65
C LYS F 103 -19.86 -17.51 16.19
N GLY F 104 -20.90 -17.50 17.02
CA GLY F 104 -22.16 -18.15 16.67
C GLY F 104 -22.28 -19.56 17.19
N THR F 105 -23.51 -20.02 17.32
CA THR F 105 -23.79 -21.38 17.74
C THR F 105 -24.72 -22.07 16.73
N ARG F 106 -24.20 -23.09 16.07
CA ARG F 106 -24.97 -23.81 15.06
C ARG F 106 -25.83 -24.88 15.73
N LEU F 107 -27.13 -24.61 15.84
CA LEU F 107 -28.05 -25.54 16.47
C LEU F 107 -28.85 -26.34 15.45
N THR F 108 -28.79 -27.66 15.56
CA THR F 108 -29.55 -28.54 14.67
C THR F 108 -30.54 -29.41 15.44
N VAL F 109 -31.83 -29.21 15.17
CA VAL F 109 -32.88 -29.99 15.80
C VAL F 109 -33.36 -31.13 14.89
N VAL F 110 -33.22 -32.36 15.37
CA VAL F 110 -33.56 -33.54 14.57
C VAL F 110 -34.79 -34.28 15.09
N GLU F 111 -35.46 -35.00 14.20
CA GLU F 111 -36.61 -35.80 14.57
C GLU F 111 -36.19 -37.11 15.22
N ASP F 112 -35.22 -37.79 14.62
CA ASP F 112 -34.71 -39.05 15.13
C ASP F 112 -33.20 -39.03 15.26
N LEU F 113 -32.72 -39.30 16.48
CA LEU F 113 -31.30 -39.26 16.77
C LEU F 113 -30.51 -40.32 15.99
N ARG F 114 -31.19 -41.38 15.57
CA ARG F 114 -30.54 -42.47 14.86
C ARG F 114 -30.08 -42.06 13.47
N ASN F 115 -30.58 -40.93 12.99
CA ASN F 115 -30.21 -40.43 11.67
C ASN F 115 -28.87 -39.69 11.68
N VAL F 116 -28.30 -39.50 12.86
CA VAL F 116 -27.02 -38.84 13.01
C VAL F 116 -25.86 -39.76 12.66
N THR F 117 -25.14 -39.42 11.59
CA THR F 117 -24.03 -40.25 11.13
C THR F 117 -22.78 -39.41 10.86
N PRO F 118 -21.60 -39.96 11.20
CA PRO F 118 -20.30 -39.36 10.89
C PRO F 118 -20.04 -39.31 9.39
N PRO F 119 -19.10 -38.46 8.95
CA PRO F 119 -18.82 -38.30 7.51
C PRO F 119 -17.88 -39.37 6.96
N LYS F 120 -17.97 -39.62 5.66
CA LYS F 120 -17.06 -40.53 4.97
C LYS F 120 -16.02 -39.73 4.18
N VAL F 121 -14.79 -39.73 4.68
CA VAL F 121 -13.73 -38.91 4.11
C VAL F 121 -12.86 -39.68 3.13
N SER F 122 -12.79 -39.20 1.89
CA SER F 122 -11.96 -39.83 0.87
C SER F 122 -10.98 -38.82 0.27
N LEU F 123 -9.73 -39.24 0.10
CA LEU F 123 -8.70 -38.38 -0.48
C LEU F 123 -8.25 -38.91 -1.83
N PHE F 124 -8.38 -38.07 -2.85
CA PHE F 124 -8.04 -38.46 -4.22
C PHE F 124 -6.69 -37.90 -4.64
N GLU F 125 -5.86 -38.75 -5.25
CA GLU F 125 -4.53 -38.35 -5.67
C GLU F 125 -4.58 -37.61 -7.01
N PRO F 126 -3.71 -36.60 -7.18
CA PRO F 126 -3.74 -35.70 -8.34
C PRO F 126 -3.48 -36.42 -9.67
N SER F 127 -4.03 -35.87 -10.74
CA SER F 127 -3.83 -36.44 -12.08
C SER F 127 -2.40 -36.25 -12.56
N LYS F 128 -1.86 -37.29 -13.18
CA LYS F 128 -0.50 -37.25 -13.72
C LYS F 128 -0.37 -36.17 -14.78
N ALA F 129 -1.46 -35.92 -15.50
CA ALA F 129 -1.48 -34.93 -16.57
C ALA F 129 -1.37 -33.51 -16.02
N GLU F 130 -1.87 -33.30 -14.81
CA GLU F 130 -1.82 -31.98 -14.18
C GLU F 130 -0.37 -31.58 -13.87
N ILE F 131 0.38 -32.51 -13.29
CA ILE F 131 1.79 -32.28 -12.99
C ILE F 131 2.57 -32.05 -14.27
N ALA F 132 2.20 -32.78 -15.31
CA ALA F 132 2.88 -32.68 -16.60
C ALA F 132 2.62 -31.34 -17.26
N ASN F 133 1.37 -30.90 -17.21
CA ASN F 133 0.97 -29.70 -17.94
C ASN F 133 0.96 -28.42 -17.09
N LYS F 134 0.61 -28.55 -15.81
CA LYS F 134 0.48 -27.38 -14.95
C LYS F 134 1.66 -27.22 -14.00
N GLN F 135 2.50 -28.25 -13.94
CA GLN F 135 3.68 -28.26 -13.07
C GLN F 135 3.28 -28.07 -11.60
N LYS F 136 2.09 -28.55 -11.26
CA LYS F 136 1.59 -28.46 -9.90
C LYS F 136 0.62 -29.61 -9.64
N ALA F 137 0.39 -29.93 -8.37
CA ALA F 137 -0.45 -31.06 -8.01
C ALA F 137 -1.61 -30.63 -7.12
N THR F 138 -2.81 -31.05 -7.47
CA THR F 138 -4.00 -30.70 -6.70
C THR F 138 -4.58 -31.89 -5.96
N LEU F 139 -4.66 -31.76 -4.64
CA LEU F 139 -5.30 -32.78 -3.81
C LEU F 139 -6.76 -32.40 -3.62
N VAL F 140 -7.62 -33.41 -3.51
CA VAL F 140 -9.05 -33.16 -3.32
C VAL F 140 -9.62 -34.01 -2.21
N CYS F 141 -10.21 -33.37 -1.21
CA CYS F 141 -10.86 -34.08 -0.10
C CYS F 141 -12.37 -34.01 -0.26
N LEU F 142 -13.04 -35.11 0.04
CA LEU F 142 -14.50 -35.16 -0.08
C LEU F 142 -15.11 -35.91 1.10
N ALA F 143 -15.97 -35.24 1.85
CA ALA F 143 -16.66 -35.87 2.97
C ALA F 143 -18.14 -36.06 2.64
N ARG F 144 -18.63 -37.29 2.82
CA ARG F 144 -20.02 -37.62 2.52
C ARG F 144 -20.62 -38.50 3.61
N GLY F 145 -21.93 -38.67 3.56
CA GLY F 145 -22.60 -39.60 4.45
C GLY F 145 -22.84 -39.06 5.85
N PHE F 146 -22.63 -37.76 6.04
CA PHE F 146 -22.89 -37.14 7.33
C PHE F 146 -24.20 -36.37 7.29
N PHE F 147 -24.85 -36.28 8.43
CA PHE F 147 -26.16 -35.64 8.50
C PHE F 147 -26.11 -34.24 9.12
N PRO F 148 -25.44 -34.07 10.27
CA PRO F 148 -25.36 -32.68 10.73
C PRO F 148 -24.31 -31.88 9.96
N ASP F 149 -24.57 -30.60 9.71
CA ASP F 149 -23.60 -29.74 9.05
C ASP F 149 -22.59 -29.20 10.06
N HIS F 150 -22.19 -30.05 10.99
CA HIS F 150 -21.28 -29.66 12.06
C HIS F 150 -19.88 -30.15 11.76
N VAL F 151 -19.56 -30.28 10.48
CA VAL F 151 -18.25 -30.74 10.06
C VAL F 151 -17.29 -29.57 9.84
N GLU F 152 -16.05 -29.77 10.22
CA GLU F 152 -15.03 -28.75 10.02
C GLU F 152 -13.83 -29.35 9.28
N LEU F 153 -13.66 -28.95 8.02
CA LEU F 153 -12.62 -29.51 7.19
C LEU F 153 -11.35 -28.66 7.27
N SER F 154 -10.22 -29.32 7.48
CA SER F 154 -8.94 -28.64 7.54
C SER F 154 -7.85 -29.47 6.87
N TRP F 155 -6.86 -28.79 6.28
CA TRP F 155 -5.75 -29.48 5.64
C TRP F 155 -4.50 -29.42 6.50
N TRP F 156 -3.76 -30.52 6.54
CA TRP F 156 -2.56 -30.61 7.37
C TRP F 156 -1.39 -31.13 6.56
N VAL F 157 -0.32 -30.34 6.48
CA VAL F 157 0.89 -30.75 5.78
C VAL F 157 2.04 -30.93 6.76
N ASN F 158 2.52 -32.17 6.86
CA ASN F 158 3.61 -32.52 7.77
C ASN F 158 3.30 -32.19 9.23
N GLY F 159 2.03 -32.31 9.61
CA GLY F 159 1.63 -32.11 10.98
C GLY F 159 1.21 -30.70 11.33
N LYS F 160 1.27 -29.81 10.35
CA LYS F 160 0.88 -28.42 10.57
C LYS F 160 -0.29 -28.03 9.66
N GLU F 161 -1.29 -27.37 10.24
CA GLU F 161 -2.45 -26.96 9.47
C GLU F 161 -2.06 -25.81 8.55
N VAL F 162 -2.34 -25.98 7.26
CA VAL F 162 -2.02 -24.95 6.28
C VAL F 162 -3.29 -24.26 5.77
N HIS F 163 -3.12 -23.02 5.29
CA HIS F 163 -4.23 -22.26 4.74
C HIS F 163 -3.92 -21.83 3.31
N SER F 164 -2.63 -21.71 3.01
CA SER F 164 -2.21 -21.40 1.65
C SER F 164 -2.41 -22.63 0.77
N GLY F 165 -2.99 -22.43 -0.40
CA GLY F 165 -3.27 -23.52 -1.30
C GLY F 165 -4.45 -24.35 -0.84
N VAL F 166 -5.20 -23.81 0.12
CA VAL F 166 -6.38 -24.51 0.66
C VAL F 166 -7.67 -23.80 0.28
N CYS F 167 -8.62 -24.56 -0.29
CA CYS F 167 -9.92 -24.01 -0.63
C CYS F 167 -11.06 -24.99 -0.34
N THR F 168 -11.83 -24.68 0.69
CA THR F 168 -12.94 -25.54 1.11
C THR F 168 -14.28 -24.89 0.72
N ASP F 169 -15.24 -25.72 0.30
CA ASP F 169 -16.58 -25.25 -0.01
C ASP F 169 -17.23 -24.60 1.20
N PRO F 170 -17.82 -23.41 1.00
CA PRO F 170 -18.40 -22.64 2.11
C PRO F 170 -19.62 -23.31 2.73
N GLN F 171 -20.41 -24.00 1.91
CA GLN F 171 -21.60 -24.71 2.41
C GLN F 171 -21.62 -26.16 1.91
N ALA F 172 -22.15 -27.05 2.75
CA ALA F 172 -22.30 -28.45 2.38
C ALA F 172 -23.43 -28.67 1.38
N TYR F 173 -23.25 -29.67 0.51
CA TYR F 173 -24.22 -29.94 -0.55
C TYR F 173 -25.14 -31.10 -0.17
N LYS F 174 -26.43 -30.92 -0.48
CA LYS F 174 -27.46 -31.91 -0.15
C LYS F 174 -27.48 -33.08 -1.13
N GLU F 175 -26.87 -34.21 -0.74
CA GLU F 175 -26.85 -35.37 -1.61
C GLU F 175 -28.10 -36.24 -1.43
N SER F 176 -28.55 -36.37 -0.19
CA SER F 176 -29.79 -37.08 0.12
C SER F 176 -30.59 -36.29 1.15
N ASN F 177 -31.71 -36.86 1.60
CA ASN F 177 -32.55 -36.20 2.60
C ASN F 177 -31.88 -36.16 3.96
N TYR F 178 -31.23 -37.25 4.35
CA TYR F 178 -30.55 -37.34 5.64
C TYR F 178 -29.04 -37.54 5.45
N SER F 179 -28.49 -36.97 4.38
CA SER F 179 -27.07 -37.09 4.11
C SER F 179 -26.54 -35.85 3.42
N TYR F 180 -25.37 -35.38 3.86
CA TYR F 180 -24.72 -34.23 3.27
C TYR F 180 -23.38 -34.60 2.66
N ALA F 181 -22.83 -33.69 1.87
CA ALA F 181 -21.53 -33.90 1.23
C ALA F 181 -20.73 -32.62 1.23
N LEU F 182 -19.44 -32.74 1.56
CA LEU F 182 -18.56 -31.58 1.62
C LEU F 182 -17.23 -31.89 0.94
N SER F 183 -16.71 -30.91 0.19
CA SER F 183 -15.46 -31.10 -0.51
C SER F 183 -14.49 -29.94 -0.28
N SER F 184 -13.21 -30.21 -0.55
CA SER F 184 -12.17 -29.20 -0.43
C SER F 184 -10.96 -29.64 -1.23
N ARG F 185 -10.07 -28.70 -1.53
CA ARG F 185 -8.91 -29.04 -2.33
C ARG F 185 -7.62 -28.38 -1.83
N LEU F 186 -6.50 -29.06 -2.05
CA LEU F 186 -5.19 -28.53 -1.70
C LEU F 186 -4.25 -28.63 -2.90
N ARG F 187 -3.61 -27.52 -3.24
CA ARG F 187 -2.74 -27.49 -4.41
C ARG F 187 -1.36 -26.97 -4.07
N VAL F 188 -0.36 -27.82 -4.28
CA VAL F 188 1.04 -27.43 -4.05
C VAL F 188 1.83 -27.68 -5.33
N SER F 189 3.06 -27.19 -5.38
CA SER F 189 3.93 -27.37 -6.53
C SER F 189 4.21 -28.85 -6.76
N ALA F 190 4.51 -29.21 -8.00
CA ALA F 190 4.80 -30.59 -8.36
C ALA F 190 6.06 -31.08 -7.66
N THR F 191 7.00 -30.17 -7.45
CA THR F 191 8.24 -30.48 -6.74
C THR F 191 7.94 -30.92 -5.32
N PHE F 192 7.08 -30.17 -4.64
CA PHE F 192 6.72 -30.47 -3.26
C PHE F 192 5.94 -31.79 -3.17
N TRP F 193 5.17 -32.09 -4.21
CA TRP F 193 4.41 -33.33 -4.25
C TRP F 193 5.30 -34.52 -4.60
N HIS F 194 6.38 -34.27 -5.33
CA HIS F 194 7.29 -35.32 -5.75
C HIS F 194 8.22 -35.73 -4.61
N ASN F 195 8.14 -35.01 -3.49
CA ASN F 195 8.92 -35.34 -2.31
C ASN F 195 8.19 -36.32 -1.42
N PRO F 196 8.73 -37.54 -1.28
CA PRO F 196 8.09 -38.59 -0.49
C PRO F 196 8.11 -38.30 1.00
N ARG F 197 8.88 -37.31 1.42
CA ARG F 197 8.96 -36.94 2.83
C ARG F 197 7.84 -35.99 3.22
N ASN F 198 7.09 -35.51 2.23
CA ASN F 198 5.98 -34.62 2.50
C ASN F 198 4.71 -35.41 2.80
N HIS F 199 4.11 -35.15 3.95
CA HIS F 199 2.88 -35.82 4.35
C HIS F 199 1.71 -34.85 4.29
N PHE F 200 0.68 -35.25 3.55
CA PHE F 200 -0.52 -34.43 3.41
C PHE F 200 -1.71 -35.09 4.11
N ARG F 201 -2.50 -34.29 4.81
CA ARG F 201 -3.63 -34.84 5.56
C ARG F 201 -4.85 -33.92 5.48
N CYS F 202 -5.97 -34.49 5.04
CA CYS F 202 -7.23 -33.76 5.01
C CYS F 202 -8.11 -34.19 6.17
N GLN F 203 -8.18 -33.36 7.20
CA GLN F 203 -8.93 -33.71 8.40
C GLN F 203 -10.32 -33.09 8.38
N VAL F 204 -11.31 -33.90 8.75
CA VAL F 204 -12.69 -33.43 8.87
C VAL F 204 -13.18 -33.66 10.29
N GLN F 205 -13.32 -32.57 11.04
CA GLN F 205 -13.78 -32.64 12.41
C GLN F 205 -15.30 -32.67 12.49
N PHE F 206 -15.86 -33.75 13.01
CA PHE F 206 -17.30 -33.91 13.13
C PHE F 206 -17.74 -33.67 14.56
N HIS F 207 -18.72 -32.80 14.74
CA HIS F 207 -19.27 -32.52 16.06
C HIS F 207 -20.58 -33.28 16.23
N GLY F 208 -20.60 -34.23 17.17
CA GLY F 208 -21.75 -35.07 17.39
C GLY F 208 -22.36 -34.94 18.77
N LEU F 209 -22.82 -36.06 19.31
CA LEU F 209 -23.54 -36.06 20.57
C LEU F 209 -22.60 -35.99 21.77
N SER F 210 -23.14 -35.57 22.92
CA SER F 210 -22.36 -35.48 24.14
C SER F 210 -22.36 -36.83 24.86
N GLU F 211 -21.62 -36.91 25.96
CA GLU F 211 -21.54 -38.13 26.75
C GLU F 211 -22.90 -38.50 27.32
N GLU F 212 -23.70 -37.48 27.65
CA GLU F 212 -25.03 -37.69 28.22
C GLU F 212 -26.11 -37.76 27.14
N ASP F 213 -26.14 -38.88 26.41
CA ASP F 213 -27.16 -39.09 25.39
C ASP F 213 -27.56 -40.57 25.32
N LYS F 214 -28.81 -40.82 24.94
CA LYS F 214 -29.30 -42.18 24.83
C LYS F 214 -29.09 -42.73 23.42
N TRP F 215 -28.56 -43.94 23.34
CA TRP F 215 -28.24 -44.56 22.06
C TRP F 215 -28.26 -46.08 22.20
N PRO F 216 -28.67 -46.79 21.14
CA PRO F 216 -28.63 -48.25 21.13
C PRO F 216 -27.22 -48.80 21.39
N GLU F 217 -27.12 -50.09 21.63
CA GLU F 217 -25.85 -50.69 22.00
C GLU F 217 -25.23 -51.41 20.81
N GLY F 218 -26.07 -51.75 19.83
CA GLY F 218 -25.61 -52.44 18.65
C GLY F 218 -25.09 -51.50 17.58
N SER F 219 -24.92 -50.24 17.94
CA SER F 219 -24.42 -49.24 17.00
C SER F 219 -23.46 -48.28 17.68
N PRO F 220 -22.44 -47.81 16.93
CA PRO F 220 -21.47 -46.85 17.48
C PRO F 220 -22.10 -45.47 17.69
N LYS F 221 -21.89 -44.88 18.85
CA LYS F 221 -22.44 -43.57 19.15
C LYS F 221 -21.67 -42.48 18.42
N PRO F 222 -22.36 -41.73 17.56
CA PRO F 222 -21.74 -40.67 16.75
C PRO F 222 -21.36 -39.44 17.57
N VAL F 223 -20.33 -39.56 18.37
CA VAL F 223 -19.87 -38.45 19.22
C VAL F 223 -18.97 -37.51 18.42
N THR F 224 -18.46 -36.48 19.09
CA THR F 224 -17.50 -35.56 18.49
C THR F 224 -16.18 -36.26 18.20
N GLN F 225 -15.75 -36.21 16.94
CA GLN F 225 -14.55 -36.94 16.52
C GLN F 225 -13.96 -36.34 15.25
N ASN F 226 -12.72 -36.72 14.96
CA ASN F 226 -12.05 -36.29 13.73
C ASN F 226 -11.82 -37.44 12.78
N ILE F 227 -12.30 -37.30 11.55
CA ILE F 227 -12.10 -38.32 10.52
C ILE F 227 -11.28 -37.74 9.38
N SER F 228 -10.10 -38.31 9.15
CA SER F 228 -9.17 -37.78 8.17
C SER F 228 -8.67 -38.82 7.18
N ALA F 229 -8.16 -38.35 6.05
CA ALA F 229 -7.55 -39.22 5.05
C ALA F 229 -6.18 -38.66 4.69
N GLU F 230 -5.18 -39.53 4.62
CA GLU F 230 -3.80 -39.09 4.44
C GLU F 230 -3.17 -39.65 3.17
N ALA F 231 -2.03 -39.09 2.80
CA ALA F 231 -1.28 -39.54 1.62
C ALA F 231 0.17 -39.08 1.70
N TRP F 232 1.00 -39.62 0.82
CA TRP F 232 2.41 -39.28 0.80
C TRP F 232 2.89 -38.90 -0.60
N GLY F 233 4.05 -38.27 -0.67
CA GLY F 233 4.65 -37.87 -1.93
C GLY F 233 5.03 -39.05 -2.81
N ARG F 234 4.68 -38.97 -4.08
CA ARG F 234 4.95 -40.07 -5.01
C ARG F 234 5.87 -39.62 -6.15
N ALA F 235 6.47 -40.58 -6.83
CA ALA F 235 7.36 -40.33 -7.96
C ALA F 235 8.48 -39.35 -7.61
#